data_1OT1
#
_entry.id   1OT1
#
_cell.length_a   116.940
_cell.length_b   109.765
_cell.length_c   67.750
_cell.angle_alpha   90.00
_cell.angle_beta   90.00
_cell.angle_gamma   90.00
#
_symmetry.space_group_name_H-M   'P 21 21 21'
#
loop_
_entity.id
_entity.type
_entity.pdbx_description
1 polymer 'Cyclomaltodextrin glucanotransferase'
2 branched alpha-D-glucopyranose-(1-4)-alpha-D-glucopyranose-(1-4)-alpha-D-glucopyranose-(1-4)-alpha-D-glucopyranose-(1-4)-alpha-D-glucopyranose-(1-4)-alpha-D-glucopyranose-(1-4)-beta-D-glucopyranose
3 branched alpha-D-glucopyranose-(1-4)-alpha-D-glucopyranose-(1-4)-alpha-D-glucopyranose-(1-4)-beta-D-glucopyranose
4 branched alpha-D-glucopyranose-(1-4)-alpha-D-glucopyranose
5 non-polymer 'CALCIUM ION'
6 non-polymer (4S)-2-METHYL-2,4-PENTANEDIOL
7 non-polymer 'ACETIC ACID'
8 non-polymer '4-(2-HYDROXYETHYL)-1-PIPERAZINE ETHANESULFONIC ACID'
9 water water
#
_entity_poly.entity_id   1
_entity_poly.type   'polypeptide(L)'
_entity_poly.pdbx_seq_one_letter_code
;APDTSVSNKQNFSTDVIYQIFTDRFSDGNPANNPTGAAFDGTCTNLRLYCGGDWQGIINKINDGYLTGMGVTAIWISQPV
ENIYSIINYSGVNNTAYHGYWARDFKKTNPAYGTIADFQNLIAAAHAKNIKVIIAFAPNHTSPASSDQPSFAENGRLYDN
GTLLGGYTNDTQNLFHHNGGTDFSTTENGIYKNLYDLADLNHNNSTVDVYLKDAIKMWLDLGIDGIRMDAVKHMPFGWQK
SFMAAVNNYKPVFTFGEWFLGVNEVSPENHKFANESGMSLLDFRFAQKVRQVFRDNTDNMYGLKAMLEGSAADYAQVDDQ
VTFIDNHDMERFHASNANRRKLEQALAFTLTSRGVPAIYYGTEQYMSGGTDPDNRARIPSFSTSTTAYQVIQKLAPLRKS
NPAIAYGSTQERWINNDVLIYERKFGSNVAVVAVNRNLNAPASISGLVTSLPQGSYNDVLGGLLNGNTLSVGSGGAASNF
TLAAGGTAVWQYTAATATPTIGHVGPMMAKPGVTITIDGRGFGSSKGTVYFGTTAVSGADITSWEDTQIKVKIPAVAGGN
YNIKVANAAGTASNVYDNFEVLSGDQVSVRFVVNNATTALGQNVYLTGSVSELGNWDPAKAIGPMYNQVVYQYPNWYYDV
SVPAGKTIEFKFLKKQGSTVTWEGGSNHTFTAPSSGTATINVNWQP
;
_entity_poly.pdbx_strand_id   A
#
loop_
_chem_comp.id
_chem_comp.type
_chem_comp.name
_chem_comp.formula
ACY non-polymer 'ACETIC ACID' 'C2 H4 O2'
BGC D-saccharide, beta linking beta-D-glucopyranose 'C6 H12 O6'
CA non-polymer 'CALCIUM ION' 'Ca 2'
EPE non-polymer '4-(2-HYDROXYETHYL)-1-PIPERAZINE ETHANESULFONIC ACID' 'C8 H18 N2 O4 S'
GLC D-saccharide, alpha linking alpha-D-glucopyranose 'C6 H12 O6'
MPD non-polymer (4S)-2-METHYL-2,4-PENTANEDIOL 'C6 H14 O2'
#
# COMPACT_ATOMS: atom_id res chain seq x y z
N ALA A 1 16.09 -17.77 6.29
CA ALA A 1 16.54 -16.39 6.10
C ALA A 1 15.88 -15.48 7.14
N PRO A 2 16.57 -14.40 7.54
CA PRO A 2 16.02 -13.49 8.54
C PRO A 2 14.91 -12.60 7.98
N ASP A 3 14.11 -12.00 8.87
CA ASP A 3 13.00 -11.15 8.47
C ASP A 3 13.45 -9.98 7.61
N THR A 4 14.69 -9.54 7.81
CA THR A 4 15.25 -8.40 7.09
C THR A 4 15.82 -8.73 5.70
N SER A 5 15.83 -10.00 5.33
CA SER A 5 16.36 -10.42 4.04
C SER A 5 15.61 -9.80 2.85
N VAL A 6 16.35 -9.53 1.78
CA VAL A 6 15.75 -8.96 0.57
C VAL A 6 14.75 -9.95 -0.03
N SER A 7 14.89 -11.23 0.33
CA SER A 7 14.01 -12.27 -0.20
C SER A 7 12.62 -12.27 0.44
N ASN A 8 12.44 -11.49 1.51
CA ASN A 8 11.17 -11.43 2.21
C ASN A 8 10.15 -10.56 1.46
N LYS A 9 9.41 -11.17 0.55
CA LYS A 9 8.42 -10.46 -0.26
C LYS A 9 7.14 -10.11 0.50
N GLN A 10 6.95 -10.67 1.69
CA GLN A 10 5.72 -10.45 2.45
C GLN A 10 5.76 -9.34 3.50
N ASN A 11 6.95 -8.80 3.74
CA ASN A 11 7.14 -7.81 4.81
C ASN A 11 8.10 -6.70 4.37
N PHE A 12 7.59 -5.46 4.31
CA PHE A 12 8.40 -4.30 3.92
C PHE A 12 8.62 -3.32 5.08
N SER A 13 8.19 -3.71 6.27
CA SER A 13 8.31 -2.84 7.43
C SER A 13 9.74 -2.55 7.88
N THR A 14 10.68 -3.40 7.50
CA THR A 14 12.07 -3.16 7.87
C THR A 14 12.78 -2.44 6.73
N ASP A 15 12.03 -2.11 5.68
CA ASP A 15 12.59 -1.45 4.50
C ASP A 15 12.25 0.04 4.40
N VAL A 16 12.94 0.71 3.51
CA VAL A 16 12.67 2.11 3.18
C VAL A 16 12.56 2.13 1.66
N ILE A 17 11.39 2.53 1.17
CA ILE A 17 11.12 2.58 -0.26
C ILE A 17 11.49 3.92 -0.87
N TYR A 18 11.99 3.87 -2.11
CA TYR A 18 12.32 5.08 -2.86
C TYR A 18 11.33 5.08 -4.03
N GLN A 19 10.48 6.11 -4.10
CA GLN A 19 9.46 6.21 -5.14
C GLN A 19 10.11 6.69 -6.44
N ILE A 20 10.28 5.78 -7.40
CA ILE A 20 10.92 6.16 -8.66
C ILE A 20 9.94 6.43 -9.79
N PHE A 21 9.91 7.68 -10.25
CA PHE A 21 9.08 8.06 -11.40
C PHE A 21 10.06 7.84 -12.55
N THR A 22 10.01 6.63 -13.10
CA THR A 22 10.94 6.16 -14.11
C THR A 22 11.43 7.13 -15.19
N ASP A 23 10.51 7.80 -15.88
CA ASP A 23 10.92 8.70 -16.96
C ASP A 23 11.75 9.89 -16.48
N ARG A 24 11.61 10.23 -15.21
CA ARG A 24 12.29 11.41 -14.66
C ARG A 24 13.49 11.11 -13.76
N PHE A 25 13.89 9.85 -13.66
CA PHE A 25 15.01 9.47 -12.80
C PHE A 25 16.34 9.42 -13.54
N SER A 26 16.53 8.43 -14.41
CA SER A 26 17.78 8.34 -15.16
C SER A 26 17.66 7.61 -16.50
N ASP A 27 18.04 8.32 -17.56
CA ASP A 27 18.00 7.78 -18.91
C ASP A 27 19.30 7.00 -19.13
N GLY A 28 19.25 5.70 -18.85
CA GLY A 28 20.44 4.86 -19.00
C GLY A 28 20.62 4.31 -20.39
N ASN A 29 19.57 4.41 -21.22
CA ASN A 29 19.63 3.93 -22.60
C ASN A 29 18.92 4.89 -23.54
N PRO A 30 19.68 5.82 -24.14
CA PRO A 30 19.11 6.80 -25.08
C PRO A 30 18.44 6.15 -26.29
N ALA A 31 18.87 4.94 -26.61
CA ALA A 31 18.34 4.20 -27.76
C ALA A 31 16.84 3.89 -27.68
N ASN A 32 16.31 3.71 -26.48
CA ASN A 32 14.88 3.41 -26.35
C ASN A 32 14.03 4.65 -26.15
N ASN A 33 14.63 5.83 -26.25
CA ASN A 33 13.89 7.07 -26.07
C ASN A 33 12.86 7.29 -27.17
N PRO A 34 11.65 7.75 -26.80
CA PRO A 34 10.63 8.02 -27.82
C PRO A 34 11.19 9.16 -28.69
N THR A 35 10.63 9.35 -29.87
CA THR A 35 11.13 10.39 -30.77
C THR A 35 10.07 11.42 -31.14
N GLY A 36 10.50 12.45 -31.86
CA GLY A 36 9.59 13.47 -32.33
C GLY A 36 8.88 14.29 -31.27
N ALA A 37 7.61 14.59 -31.52
CA ALA A 37 6.80 15.42 -30.63
C ALA A 37 6.52 14.77 -29.29
N ALA A 38 6.84 13.48 -29.15
CA ALA A 38 6.58 12.77 -27.90
C ALA A 38 7.79 12.83 -26.96
N PHE A 39 8.86 13.49 -27.38
CA PHE A 39 10.08 13.52 -26.60
C PHE A 39 10.73 14.89 -26.44
N ASP A 40 11.30 15.12 -25.25
CA ASP A 40 12.04 16.33 -24.95
C ASP A 40 13.23 15.96 -24.06
N GLY A 41 14.39 15.77 -24.70
CA GLY A 41 15.59 15.38 -23.97
C GLY A 41 16.00 16.32 -22.85
N THR A 42 15.57 17.58 -22.92
CA THR A 42 15.95 18.55 -21.88
C THR A 42 14.95 18.50 -20.72
N CYS A 43 13.86 17.77 -20.91
CA CYS A 43 12.82 17.64 -19.90
C CYS A 43 12.31 18.99 -19.44
N THR A 44 12.07 19.89 -20.39
CA THR A 44 11.52 21.21 -20.08
C THR A 44 10.01 21.06 -20.12
N ASN A 45 9.51 20.32 -21.11
CA ASN A 45 8.09 20.07 -21.24
C ASN A 45 7.83 18.82 -20.40
N LEU A 46 7.30 19.03 -19.20
CA LEU A 46 7.07 17.94 -18.26
C LEU A 46 5.94 16.97 -18.62
N ARG A 47 5.32 17.16 -19.79
CA ARG A 47 4.25 16.28 -20.21
C ARG A 47 4.68 15.34 -21.33
N LEU A 48 5.95 15.43 -21.73
CA LEU A 48 6.50 14.57 -22.77
C LEU A 48 7.50 13.60 -22.14
N TYR A 49 7.92 12.59 -22.89
CA TYR A 49 8.92 11.66 -22.39
C TYR A 49 10.26 12.38 -22.28
N CYS A 50 10.98 12.12 -21.20
CA CYS A 50 12.28 12.73 -20.98
C CYS A 50 13.40 11.72 -21.19
N GLY A 51 13.04 10.43 -21.19
CA GLY A 51 14.03 9.40 -21.43
C GLY A 51 14.37 8.45 -20.29
N GLY A 52 13.91 8.75 -19.08
CA GLY A 52 14.22 7.89 -17.94
C GLY A 52 13.78 6.47 -18.18
N ASP A 53 14.65 5.51 -17.86
CA ASP A 53 14.34 4.10 -18.11
C ASP A 53 14.89 3.15 -17.05
N TRP A 54 14.70 1.84 -17.28
CA TRP A 54 15.17 0.84 -16.33
C TRP A 54 16.68 0.69 -16.31
N GLN A 55 17.33 0.92 -17.44
CA GLN A 55 18.79 0.84 -17.46
C GLN A 55 19.33 1.90 -16.51
N GLY A 56 18.68 3.06 -16.51
CA GLY A 56 19.08 4.13 -15.63
C GLY A 56 18.98 3.73 -14.18
N ILE A 57 17.87 3.09 -13.82
CA ILE A 57 17.69 2.63 -12.44
C ILE A 57 18.78 1.63 -12.08
N ILE A 58 19.08 0.72 -13.01
CA ILE A 58 20.13 -0.27 -12.78
C ILE A 58 21.45 0.45 -12.50
N ASN A 59 21.74 1.49 -13.28
CA ASN A 59 22.98 2.25 -13.09
C ASN A 59 23.05 2.91 -11.72
N LYS A 60 21.95 3.49 -11.28
CA LYS A 60 21.93 4.17 -9.98
C LYS A 60 21.95 3.19 -8.82
N ILE A 61 21.57 1.94 -9.09
CA ILE A 61 21.63 0.89 -8.09
C ILE A 61 23.10 0.44 -7.99
N ASN A 62 23.73 0.29 -9.14
CA ASN A 62 25.12 -0.15 -9.19
C ASN A 62 26.17 0.88 -8.79
N ASP A 63 25.90 2.17 -8.99
CA ASP A 63 26.90 3.17 -8.61
C ASP A 63 26.75 3.69 -7.17
N GLY A 64 25.84 3.07 -6.42
CA GLY A 64 25.68 3.41 -5.01
C GLY A 64 24.81 4.59 -4.58
N TYR A 65 24.11 5.25 -5.49
CA TYR A 65 23.28 6.38 -5.07
C TYR A 65 22.22 5.95 -4.06
N LEU A 66 21.49 4.89 -4.39
CA LEU A 66 20.43 4.39 -3.52
C LEU A 66 20.96 3.65 -2.29
N THR A 67 21.89 2.72 -2.51
CA THR A 67 22.45 1.97 -1.39
C THR A 67 23.15 2.88 -0.39
N GLY A 68 23.83 3.91 -0.90
CA GLY A 68 24.53 4.83 -0.02
C GLY A 68 23.57 5.59 0.87
N MET A 69 22.31 5.64 0.46
CA MET A 69 21.27 6.35 1.19
C MET A 69 20.55 5.42 2.18
N GLY A 70 20.80 4.12 2.07
CA GLY A 70 20.12 3.19 2.96
C GLY A 70 18.78 2.73 2.39
N VAL A 71 18.54 3.03 1.12
CA VAL A 71 17.31 2.59 0.46
C VAL A 71 17.38 1.09 0.25
N THR A 72 16.33 0.37 0.62
CA THR A 72 16.31 -1.09 0.48
C THR A 72 15.16 -1.58 -0.38
N ALA A 73 14.46 -0.65 -1.02
CA ALA A 73 13.34 -0.99 -1.89
C ALA A 73 13.00 0.19 -2.77
N ILE A 74 12.42 -0.10 -3.93
CA ILE A 74 12.00 0.95 -4.86
C ILE A 74 10.67 0.55 -5.47
N TRP A 75 9.88 1.53 -5.89
CA TRP A 75 8.70 1.19 -6.67
C TRP A 75 8.89 1.98 -7.95
N ILE A 76 8.36 1.47 -9.06
CA ILE A 76 8.54 2.11 -10.34
C ILE A 76 7.22 2.34 -11.04
N SER A 77 7.22 3.24 -12.02
CA SER A 77 6.02 3.53 -12.80
C SER A 77 5.51 2.21 -13.39
N GLN A 78 4.20 2.12 -13.62
CA GLN A 78 3.64 0.89 -14.18
C GLN A 78 4.52 0.48 -15.37
N PRO A 79 5.01 -0.75 -15.35
CA PRO A 79 5.89 -1.27 -16.41
C PRO A 79 5.23 -1.71 -17.71
N VAL A 80 3.91 -1.85 -17.72
CA VAL A 80 3.22 -2.35 -18.90
C VAL A 80 3.17 -1.39 -20.07
N GLU A 81 3.00 -1.93 -21.27
CA GLU A 81 2.96 -1.12 -22.48
C GLU A 81 1.81 -0.12 -22.44
N ASN A 82 2.13 1.14 -22.70
CA ASN A 82 1.14 2.21 -22.74
C ASN A 82 0.87 2.62 -24.19
N ILE A 83 -0.15 3.44 -24.38
CA ILE A 83 -0.47 3.91 -25.72
C ILE A 83 0.70 4.77 -26.20
N TYR A 84 0.82 4.93 -27.51
CA TYR A 84 1.92 5.70 -28.09
C TYR A 84 1.47 7.08 -28.56
N SER A 85 0.18 7.35 -28.37
CA SER A 85 -0.43 8.61 -28.78
C SER A 85 0.14 9.84 -28.11
N ILE A 86 0.15 10.94 -28.86
CA ILE A 86 0.57 12.23 -28.33
C ILE A 86 -0.77 12.98 -28.32
N ILE A 87 -1.39 13.05 -27.16
CA ILE A 87 -2.70 13.68 -27.04
C ILE A 87 -2.63 15.19 -26.80
N ASN A 88 -3.41 15.93 -27.58
CA ASN A 88 -3.47 17.37 -27.45
C ASN A 88 -4.66 17.77 -26.57
N TYR A 89 -4.37 18.19 -25.35
CA TYR A 89 -5.42 18.62 -24.44
C TYR A 89 -5.45 20.14 -24.40
N SER A 90 -6.22 20.72 -25.32
CA SER A 90 -6.34 22.17 -25.41
C SER A 90 -4.99 22.83 -25.66
N GLY A 91 -4.41 22.58 -26.83
CA GLY A 91 -3.15 23.19 -27.20
C GLY A 91 -1.89 22.62 -26.57
N VAL A 92 -2.02 21.68 -25.64
CA VAL A 92 -0.85 21.10 -24.99
C VAL A 92 -0.70 19.61 -25.26
N ASN A 93 0.46 19.21 -25.77
CA ASN A 93 0.71 17.80 -26.05
C ASN A 93 1.02 17.02 -24.78
N ASN A 94 0.40 15.85 -24.67
CA ASN A 94 0.57 14.97 -23.51
C ASN A 94 0.92 13.55 -23.98
N THR A 95 1.82 12.91 -23.26
CA THR A 95 2.21 11.54 -23.57
C THR A 95 1.98 10.65 -22.36
N ALA A 96 2.20 9.35 -22.53
CA ALA A 96 2.03 8.38 -21.46
C ALA A 96 3.32 8.19 -20.66
N TYR A 97 4.13 9.23 -20.58
CA TYR A 97 5.41 9.15 -19.85
C TYR A 97 5.22 8.62 -18.42
N HIS A 98 4.05 8.88 -17.85
CA HIS A 98 3.72 8.49 -16.48
C HIS A 98 3.39 7.01 -16.32
N GLY A 99 3.16 6.33 -17.45
CA GLY A 99 2.86 4.91 -17.43
C GLY A 99 1.45 4.46 -17.06
N TYR A 100 0.54 5.41 -16.84
CA TYR A 100 -0.82 5.09 -16.43
C TYR A 100 -1.85 4.87 -17.56
N TRP A 101 -1.40 4.94 -18.81
CA TRP A 101 -2.31 4.72 -19.94
C TRP A 101 -1.97 3.40 -20.62
N ALA A 102 -2.34 2.30 -19.97
CA ALA A 102 -2.04 0.96 -20.47
C ALA A 102 -2.82 0.53 -21.70
N ARG A 103 -2.17 -0.32 -22.52
CA ARG A 103 -2.82 -0.89 -23.69
C ARG A 103 -2.58 -2.40 -23.72
N ASP A 104 -1.53 -2.86 -23.02
CA ASP A 104 -1.22 -4.28 -22.96
C ASP A 104 -0.50 -4.61 -21.65
N PHE A 105 -1.23 -5.21 -20.70
CA PHE A 105 -0.67 -5.55 -19.40
C PHE A 105 0.29 -6.74 -19.43
N LYS A 106 0.49 -7.33 -20.61
CA LYS A 106 1.41 -8.47 -20.71
C LYS A 106 2.69 -8.15 -21.46
N LYS A 107 2.89 -6.87 -21.77
CA LYS A 107 4.10 -6.41 -22.44
C LYS A 107 4.69 -5.24 -21.66
N THR A 108 5.93 -4.89 -21.96
CA THR A 108 6.58 -3.77 -21.29
C THR A 108 6.41 -2.49 -22.09
N ASN A 109 6.64 -1.36 -21.42
CA ASN A 109 6.62 -0.06 -22.08
C ASN A 109 8.02 0.01 -22.66
N PRO A 110 8.15 -0.08 -24.00
CA PRO A 110 9.48 -0.03 -24.64
C PRO A 110 10.34 1.17 -24.27
N ALA A 111 9.71 2.27 -23.87
CA ALA A 111 10.46 3.45 -23.45
C ALA A 111 11.25 3.14 -22.18
N TYR A 112 10.65 2.36 -21.28
CA TYR A 112 11.32 1.99 -20.04
C TYR A 112 12.30 0.85 -20.31
N GLY A 113 11.91 -0.06 -21.20
CA GLY A 113 12.78 -1.18 -21.53
C GLY A 113 12.04 -2.40 -22.04
N THR A 114 12.81 -3.46 -22.30
CA THR A 114 12.26 -4.72 -22.77
C THR A 114 12.09 -5.65 -21.57
N ILE A 115 11.55 -6.84 -21.82
CA ILE A 115 11.39 -7.84 -20.77
C ILE A 115 12.77 -8.19 -20.22
N ALA A 116 13.76 -8.24 -21.13
CA ALA A 116 15.13 -8.56 -20.73
C ALA A 116 15.65 -7.48 -19.80
N ASP A 117 15.35 -6.22 -20.11
CA ASP A 117 15.79 -5.11 -19.27
C ASP A 117 15.15 -5.24 -17.89
N PHE A 118 13.87 -5.62 -17.85
CA PHE A 118 13.16 -5.77 -16.59
C PHE A 118 13.80 -6.87 -15.75
N GLN A 119 14.15 -7.98 -16.39
CA GLN A 119 14.80 -9.08 -15.71
C GLN A 119 16.13 -8.59 -15.13
N ASN A 120 16.84 -7.78 -15.91
CA ASN A 120 18.13 -7.23 -15.48
C ASN A 120 17.94 -6.31 -14.26
N LEU A 121 16.84 -5.56 -14.26
CA LEU A 121 16.54 -4.67 -13.14
C LEU A 121 16.31 -5.47 -11.87
N ILE A 122 15.46 -6.49 -11.97
CA ILE A 122 15.16 -7.35 -10.82
C ILE A 122 16.46 -7.96 -10.28
N ALA A 123 17.31 -8.42 -11.18
CA ALA A 123 18.58 -9.03 -10.79
C ALA A 123 19.52 -8.04 -10.12
N ALA A 124 19.70 -6.88 -10.74
CA ALA A 124 20.59 -5.86 -10.19
C ALA A 124 20.13 -5.40 -8.81
N ALA A 125 18.82 -5.16 -8.67
CA ALA A 125 18.25 -4.74 -7.41
C ALA A 125 18.49 -5.77 -6.33
N HIS A 126 18.08 -7.01 -6.59
CA HIS A 126 18.24 -8.08 -5.61
C HIS A 126 19.68 -8.29 -5.19
N ALA A 127 20.62 -8.10 -6.11
CA ALA A 127 22.04 -8.28 -5.80
C ALA A 127 22.50 -7.24 -4.80
N LYS A 128 21.80 -6.10 -4.76
CA LYS A 128 22.14 -5.02 -3.83
C LYS A 128 21.14 -4.95 -2.67
N ASN A 129 20.44 -6.05 -2.43
CA ASN A 129 19.46 -6.16 -1.35
C ASN A 129 18.33 -5.14 -1.46
N ILE A 130 17.96 -4.79 -2.67
CA ILE A 130 16.87 -3.85 -2.91
C ILE A 130 15.69 -4.59 -3.52
N LYS A 131 14.53 -4.47 -2.89
CA LYS A 131 13.30 -5.10 -3.36
C LYS A 131 12.67 -4.22 -4.43
N VAL A 132 11.89 -4.82 -5.34
CA VAL A 132 11.27 -4.06 -6.41
C VAL A 132 9.74 -4.18 -6.43
N ILE A 133 9.09 -3.03 -6.30
CA ILE A 133 7.63 -2.94 -6.34
C ILE A 133 7.21 -2.31 -7.67
N ILE A 134 6.19 -2.86 -8.33
CA ILE A 134 5.71 -2.27 -9.55
C ILE A 134 4.33 -1.67 -9.34
N ALA A 135 4.08 -0.54 -9.97
CA ALA A 135 2.75 0.05 -9.93
C ALA A 135 1.96 -0.81 -10.90
N PHE A 136 0.68 -1.00 -10.62
CA PHE A 136 -0.20 -1.80 -11.46
C PHE A 136 -1.54 -1.07 -11.41
N ALA A 137 -2.06 -0.66 -12.56
CA ALA A 137 -3.29 0.11 -12.60
C ALA A 137 -4.36 -0.55 -13.46
N PRO A 138 -5.00 -1.62 -12.94
CA PRO A 138 -6.04 -2.37 -13.64
C PRO A 138 -7.43 -1.73 -13.66
N ASN A 139 -7.53 -0.46 -13.29
CA ASN A 139 -8.81 0.22 -13.28
C ASN A 139 -9.26 0.66 -14.67
N HIS A 140 -8.28 0.92 -15.54
CA HIS A 140 -8.57 1.46 -16.87
C HIS A 140 -7.46 1.16 -17.84
N THR A 141 -7.70 1.52 -19.11
CA THR A 141 -6.69 1.40 -20.13
C THR A 141 -6.15 2.81 -20.37
N SER A 142 -6.79 3.55 -21.26
CA SER A 142 -6.30 4.89 -21.61
C SER A 142 -7.41 5.87 -22.03
N PRO A 143 -7.04 7.14 -22.30
CA PRO A 143 -8.02 8.15 -22.71
C PRO A 143 -8.83 7.68 -23.92
N ALA A 144 -10.13 7.91 -23.89
CA ALA A 144 -10.97 7.48 -25.00
C ALA A 144 -12.26 8.27 -25.16
N SER A 145 -12.86 8.14 -26.33
CA SER A 145 -14.11 8.77 -26.67
C SER A 145 -14.86 7.78 -27.54
N SER A 146 -15.99 7.28 -27.06
CA SER A 146 -16.77 6.30 -27.82
C SER A 146 -17.31 6.86 -29.13
N ASP A 147 -17.67 8.15 -29.13
CA ASP A 147 -18.19 8.77 -30.36
C ASP A 147 -17.07 9.12 -31.34
N GLN A 148 -15.85 9.30 -30.81
CA GLN A 148 -14.71 9.64 -31.65
C GLN A 148 -13.60 8.60 -31.50
N PRO A 149 -13.74 7.47 -32.21
CA PRO A 149 -12.73 6.39 -32.16
C PRO A 149 -11.33 6.79 -32.61
N SER A 150 -11.22 7.90 -33.34
CA SER A 150 -9.93 8.35 -33.83
C SER A 150 -9.12 9.04 -32.73
N PHE A 151 -9.78 9.40 -31.63
CA PHE A 151 -9.10 10.06 -30.51
C PHE A 151 -8.18 9.07 -29.80
N ALA A 152 -6.91 9.46 -29.64
CA ALA A 152 -5.92 8.61 -28.98
C ALA A 152 -5.95 7.21 -29.59
N GLU A 153 -5.94 6.18 -28.75
CA GLU A 153 -6.00 4.81 -29.23
C GLU A 153 -7.33 4.15 -28.87
N ASN A 154 -8.34 5.00 -28.64
CA ASN A 154 -9.69 4.54 -28.33
C ASN A 154 -9.71 3.61 -27.12
N GLY A 155 -8.73 3.77 -26.23
CA GLY A 155 -8.65 2.95 -25.04
C GLY A 155 -8.51 1.46 -25.31
N ARG A 156 -8.05 1.10 -26.50
CA ARG A 156 -7.91 -0.30 -26.87
C ARG A 156 -7.07 -1.14 -25.91
N LEU A 157 -7.55 -2.36 -25.67
CA LEU A 157 -6.88 -3.30 -24.79
C LEU A 157 -6.37 -4.49 -25.60
N TYR A 158 -5.09 -4.80 -25.45
CA TYR A 158 -4.49 -5.92 -26.16
C TYR A 158 -4.03 -6.98 -25.18
N ASP A 159 -4.03 -8.24 -25.64
CA ASP A 159 -3.59 -9.37 -24.82
C ASP A 159 -2.34 -9.93 -25.49
N ASN A 160 -1.18 -9.44 -25.04
CA ASN A 160 0.10 -9.83 -25.59
C ASN A 160 0.10 -9.69 -27.12
N GLY A 161 -0.39 -8.55 -27.59
CA GLY A 161 -0.41 -8.28 -29.02
C GLY A 161 -1.76 -8.46 -29.70
N THR A 162 -2.61 -9.31 -29.14
CA THR A 162 -3.92 -9.57 -29.73
C THR A 162 -4.97 -8.59 -29.22
N LEU A 163 -5.57 -7.85 -30.14
CA LEU A 163 -6.61 -6.88 -29.78
C LEU A 163 -7.82 -7.58 -29.17
N LEU A 164 -8.25 -7.10 -28.00
CA LEU A 164 -9.43 -7.65 -27.35
C LEU A 164 -10.63 -6.76 -27.68
N GLY A 165 -10.40 -5.45 -27.68
CA GLY A 165 -11.47 -4.52 -27.99
C GLY A 165 -11.15 -3.09 -27.60
N GLY A 166 -11.98 -2.16 -28.05
CA GLY A 166 -11.79 -0.76 -27.74
C GLY A 166 -13.03 -0.15 -27.12
N TYR A 167 -12.97 1.14 -26.80
CA TYR A 167 -14.09 1.82 -26.16
C TYR A 167 -15.28 2.03 -27.11
N THR A 168 -14.99 2.17 -28.40
CA THR A 168 -16.04 2.33 -29.40
C THR A 168 -16.47 0.94 -29.88
N ASN A 169 -17.76 0.76 -30.12
CA ASN A 169 -18.29 -0.52 -30.57
C ASN A 169 -17.93 -1.63 -29.59
N ASP A 170 -18.04 -1.32 -28.30
CA ASP A 170 -17.70 -2.27 -27.24
C ASP A 170 -18.88 -3.20 -26.93
N THR A 171 -19.17 -4.10 -27.86
CA THR A 171 -20.26 -5.04 -27.71
C THR A 171 -20.02 -6.07 -26.61
N GLN A 172 -18.75 -6.35 -26.32
CA GLN A 172 -18.39 -7.31 -25.28
C GLN A 172 -18.52 -6.70 -23.89
N ASN A 173 -18.70 -5.38 -23.84
CA ASN A 173 -18.76 -4.67 -22.57
C ASN A 173 -17.48 -4.90 -21.77
N LEU A 174 -16.33 -4.67 -22.41
CA LEU A 174 -15.05 -4.81 -21.74
C LEU A 174 -14.87 -3.58 -20.84
N PHE A 175 -15.60 -2.51 -21.16
CA PHE A 175 -15.51 -1.27 -20.40
C PHE A 175 -16.86 -0.79 -19.90
N HIS A 176 -16.83 0.24 -19.05
CA HIS A 176 -18.04 0.86 -18.54
C HIS A 176 -18.39 2.03 -19.45
N HIS A 177 -19.69 2.23 -19.65
CA HIS A 177 -20.16 3.32 -20.50
C HIS A 177 -21.20 4.10 -19.72
N ASN A 178 -20.78 4.61 -18.56
CA ASN A 178 -21.65 5.35 -17.67
C ASN A 178 -21.20 6.80 -17.45
N GLY A 179 -20.42 7.33 -18.39
CA GLY A 179 -19.93 8.69 -18.25
C GLY A 179 -18.74 8.78 -17.32
N GLY A 180 -18.39 10.00 -16.91
CA GLY A 180 -17.27 10.19 -16.00
C GLY A 180 -17.74 10.42 -14.58
N THR A 181 -16.92 10.03 -13.60
CA THR A 181 -17.30 10.22 -12.21
C THR A 181 -17.16 11.68 -11.80
N ASP A 182 -17.96 12.09 -10.82
CA ASP A 182 -17.86 13.44 -10.28
C ASP A 182 -17.42 13.32 -8.82
N PHE A 183 -17.04 12.09 -8.44
CA PHE A 183 -16.54 11.80 -7.10
C PHE A 183 -17.55 12.07 -5.99
N SER A 184 -18.83 12.17 -6.35
CA SER A 184 -19.87 12.45 -5.37
C SER A 184 -20.09 11.30 -4.38
N THR A 185 -19.95 10.07 -4.86
CA THR A 185 -20.10 8.91 -4.01
C THR A 185 -19.08 7.84 -4.38
N THR A 186 -18.83 6.92 -3.47
CA THR A 186 -17.88 5.84 -3.74
C THR A 186 -18.35 5.04 -4.96
N GLU A 187 -19.64 4.69 -4.98
CA GLU A 187 -20.20 3.94 -6.11
C GLU A 187 -19.99 4.70 -7.42
N ASN A 188 -20.25 6.00 -7.39
CA ASN A 188 -20.10 6.86 -8.57
C ASN A 188 -18.67 6.80 -9.09
N GLY A 189 -17.71 6.85 -8.17
CA GLY A 189 -16.31 6.82 -8.55
C GLY A 189 -15.81 5.46 -9.02
N ILE A 190 -16.56 4.40 -8.72
CA ILE A 190 -16.16 3.06 -9.12
C ILE A 190 -16.66 2.65 -10.51
N TYR A 191 -17.94 2.89 -10.77
CA TYR A 191 -18.53 2.45 -12.02
C TYR A 191 -18.62 3.49 -13.14
N LYS A 192 -17.93 4.60 -12.97
CA LYS A 192 -17.85 5.65 -13.99
C LYS A 192 -16.37 5.91 -14.24
N ASN A 193 -16.05 6.52 -15.38
CA ASN A 193 -14.64 6.77 -15.74
C ASN A 193 -13.92 7.82 -14.91
N LEU A 194 -12.62 7.59 -14.70
CA LEU A 194 -11.75 8.57 -14.06
C LEU A 194 -11.31 9.42 -15.24
N TYR A 195 -11.53 10.73 -15.18
CA TYR A 195 -11.17 11.60 -16.30
C TYR A 195 -11.85 11.03 -17.54
N ASP A 196 -11.08 10.86 -18.61
CA ASP A 196 -11.61 10.30 -19.86
C ASP A 196 -11.05 8.89 -20.08
N LEU A 197 -10.53 8.29 -19.02
CA LEU A 197 -9.93 6.97 -19.08
C LEU A 197 -10.98 5.86 -19.20
N ALA A 198 -10.82 5.00 -20.20
CA ALA A 198 -11.75 3.89 -20.42
C ALA A 198 -11.75 2.95 -19.21
N ASP A 199 -12.86 2.97 -18.47
CA ASP A 199 -12.98 2.18 -17.26
C ASP A 199 -13.20 0.69 -17.56
N LEU A 200 -12.30 -0.15 -17.06
CA LEU A 200 -12.41 -1.58 -17.29
C LEU A 200 -13.57 -2.18 -16.47
N ASN A 201 -14.28 -3.12 -17.09
CA ASN A 201 -15.41 -3.78 -16.45
C ASN A 201 -14.95 -5.12 -15.90
N HIS A 202 -14.63 -5.16 -14.61
CA HIS A 202 -14.14 -6.39 -14.00
C HIS A 202 -15.17 -7.48 -13.84
N ASN A 203 -16.43 -7.16 -14.17
CA ASN A 203 -17.48 -8.16 -14.11
C ASN A 203 -17.48 -8.95 -15.43
N ASN A 204 -16.72 -8.47 -16.40
CA ASN A 204 -16.57 -9.17 -17.67
C ASN A 204 -15.52 -10.27 -17.45
N SER A 205 -15.90 -11.52 -17.69
CA SER A 205 -14.98 -12.65 -17.46
C SER A 205 -13.65 -12.53 -18.18
N THR A 206 -13.66 -12.04 -19.42
CA THR A 206 -12.43 -11.88 -20.17
C THR A 206 -11.49 -10.93 -19.44
N VAL A 207 -12.01 -9.79 -19.02
CA VAL A 207 -11.22 -8.78 -18.31
C VAL A 207 -10.70 -9.36 -16.99
N ASP A 208 -11.57 -10.01 -16.24
CA ASP A 208 -11.21 -10.61 -14.95
C ASP A 208 -10.06 -11.61 -15.10
N VAL A 209 -10.24 -12.59 -15.96
CA VAL A 209 -9.23 -13.62 -16.18
C VAL A 209 -7.95 -13.02 -16.75
N TYR A 210 -8.10 -12.09 -17.69
CA TYR A 210 -6.95 -11.44 -18.32
C TYR A 210 -6.04 -10.73 -17.30
N LEU A 211 -6.63 -9.89 -16.47
CA LEU A 211 -5.86 -9.13 -15.48
C LEU A 211 -5.18 -10.03 -14.45
N LYS A 212 -5.85 -11.10 -14.05
CA LYS A 212 -5.27 -12.02 -13.08
C LYS A 212 -4.13 -12.81 -13.73
N ASP A 213 -4.25 -13.11 -15.02
CA ASP A 213 -3.19 -13.80 -15.72
C ASP A 213 -2.02 -12.85 -15.91
N ALA A 214 -2.33 -11.57 -16.13
CA ALA A 214 -1.29 -10.56 -16.35
C ALA A 214 -0.43 -10.39 -15.10
N ILE A 215 -1.06 -10.19 -13.94
CA ILE A 215 -0.29 -9.99 -12.72
C ILE A 215 0.60 -11.19 -12.41
N LYS A 216 0.13 -12.39 -12.76
CA LYS A 216 0.93 -13.58 -12.50
C LYS A 216 2.20 -13.59 -13.36
N MET A 217 2.14 -12.99 -14.55
CA MET A 217 3.31 -12.89 -15.41
C MET A 217 4.38 -12.06 -14.70
N TRP A 218 3.96 -10.93 -14.12
CA TRP A 218 4.89 -10.07 -13.41
C TRP A 218 5.41 -10.76 -12.14
N LEU A 219 4.53 -11.50 -11.47
CA LEU A 219 4.94 -12.24 -10.28
C LEU A 219 6.03 -13.24 -10.68
N ASP A 220 5.87 -13.87 -11.84
CA ASP A 220 6.86 -14.84 -12.31
C ASP A 220 8.19 -14.17 -12.67
N LEU A 221 8.14 -12.88 -12.97
CA LEU A 221 9.35 -12.14 -13.29
C LEU A 221 10.15 -11.77 -12.04
N GLY A 222 9.59 -12.08 -10.87
CA GLY A 222 10.29 -11.83 -9.62
C GLY A 222 10.02 -10.56 -8.86
N ILE A 223 8.95 -9.84 -9.16
CA ILE A 223 8.65 -8.62 -8.41
C ILE A 223 8.46 -8.96 -6.93
N ASP A 224 8.72 -7.98 -6.07
CA ASP A 224 8.62 -8.20 -4.63
C ASP A 224 7.40 -7.55 -3.98
N GLY A 225 6.69 -6.74 -4.76
CA GLY A 225 5.51 -6.08 -4.23
C GLY A 225 4.72 -5.42 -5.35
N ILE A 226 3.51 -4.99 -5.01
CA ILE A 226 2.64 -4.35 -5.98
C ILE A 226 1.96 -3.12 -5.39
N ARG A 227 2.00 -2.03 -6.14
CA ARG A 227 1.31 -0.82 -5.74
C ARG A 227 0.08 -0.71 -6.65
N MET A 228 -1.07 -1.05 -6.09
CA MET A 228 -2.34 -1.00 -6.83
C MET A 228 -2.83 0.44 -6.87
N ASP A 229 -3.02 0.94 -8.09
N ASP A 229 -2.97 1.00 -8.08
CA ASP A 229 -3.44 2.30 -8.36
CA ASP A 229 -3.40 2.37 -8.19
C ASP A 229 -4.96 2.47 -8.34
C ASP A 229 -4.92 2.50 -8.36
N ALA A 230 -5.43 3.62 -7.86
CA ALA A 230 -6.86 3.94 -7.90
C ALA A 230 -7.78 2.85 -7.33
N VAL A 231 -7.43 2.32 -6.16
CA VAL A 231 -8.25 1.25 -5.58
C VAL A 231 -9.62 1.70 -5.08
N LYS A 232 -9.79 3.00 -4.85
CA LYS A 232 -11.09 3.49 -4.40
C LYS A 232 -12.04 3.51 -5.60
N HIS A 233 -11.50 3.24 -6.79
CA HIS A 233 -12.29 3.30 -8.01
C HIS A 233 -12.56 1.98 -8.72
N MET A 234 -12.26 0.87 -8.03
CA MET A 234 -12.54 -0.47 -8.55
C MET A 234 -13.40 -1.17 -7.51
N PRO A 235 -14.22 -2.16 -7.93
CA PRO A 235 -15.07 -2.86 -6.97
C PRO A 235 -14.22 -3.50 -5.88
N PHE A 236 -14.55 -3.23 -4.63
CA PHE A 236 -13.75 -3.76 -3.53
C PHE A 236 -13.76 -5.29 -3.52
N GLY A 237 -14.92 -5.88 -3.82
CA GLY A 237 -15.03 -7.31 -3.87
C GLY A 237 -14.15 -7.93 -4.94
N TRP A 238 -14.12 -7.31 -6.11
CA TRP A 238 -13.28 -7.83 -7.19
C TRP A 238 -11.82 -7.75 -6.77
N GLN A 239 -11.45 -6.65 -6.13
CA GLN A 239 -10.07 -6.47 -5.70
C GLN A 239 -9.67 -7.51 -4.68
N LYS A 240 -10.62 -7.90 -3.81
CA LYS A 240 -10.31 -8.95 -2.84
C LYS A 240 -10.04 -10.26 -3.59
N SER A 241 -10.81 -10.53 -4.65
CA SER A 241 -10.60 -11.76 -5.41
C SER A 241 -9.28 -11.69 -6.15
N PHE A 242 -8.86 -10.47 -6.48
CA PHE A 242 -7.59 -10.25 -7.17
C PHE A 242 -6.46 -10.55 -6.18
N MET A 243 -6.56 -10.04 -4.96
CA MET A 243 -5.55 -10.30 -3.95
C MET A 243 -5.50 -11.78 -3.59
N ALA A 244 -6.64 -12.45 -3.72
CA ALA A 244 -6.68 -13.88 -3.44
C ALA A 244 -5.93 -14.63 -4.54
N ALA A 245 -6.09 -14.18 -5.78
CA ALA A 245 -5.40 -14.80 -6.90
C ALA A 245 -3.89 -14.66 -6.70
N VAL A 246 -3.47 -13.47 -6.27
CA VAL A 246 -2.07 -13.21 -6.02
C VAL A 246 -1.55 -14.06 -4.87
N ASN A 247 -2.22 -13.98 -3.72
CA ASN A 247 -1.78 -14.70 -2.53
C ASN A 247 -1.85 -16.22 -2.65
N ASN A 248 -2.82 -16.72 -3.40
CA ASN A 248 -2.97 -18.16 -3.56
C ASN A 248 -2.03 -18.68 -4.65
N TYR A 249 -1.20 -17.80 -5.19
CA TYR A 249 -0.21 -18.18 -6.21
C TYR A 249 1.18 -17.85 -5.66
N LYS A 250 1.55 -16.57 -5.73
CA LYS A 250 2.83 -16.10 -5.21
C LYS A 250 2.58 -14.80 -4.46
N PRO A 251 2.34 -14.88 -3.14
CA PRO A 251 2.06 -13.68 -2.34
C PRO A 251 3.21 -12.69 -2.27
N VAL A 252 2.89 -11.42 -2.50
CA VAL A 252 3.87 -10.35 -2.40
C VAL A 252 3.16 -9.16 -1.77
N PHE A 253 3.91 -8.38 -1.00
CA PHE A 253 3.39 -7.21 -0.31
C PHE A 253 2.65 -6.32 -1.31
N THR A 254 1.37 -6.04 -1.03
CA THR A 254 0.56 -5.22 -1.91
C THR A 254 -0.16 -4.14 -1.13
N PHE A 255 -0.20 -2.94 -1.69
CA PHE A 255 -0.89 -1.81 -1.05
C PHE A 255 -1.51 -0.94 -2.15
N GLY A 256 -2.62 -0.29 -1.82
CA GLY A 256 -3.31 0.50 -2.83
C GLY A 256 -3.30 2.01 -2.64
N GLU A 257 -3.52 2.74 -3.72
N GLU A 257 -3.56 2.72 -3.72
CA GLU A 257 -3.57 4.19 -3.66
CA GLU A 257 -3.61 4.18 -3.74
C GLU A 257 -5.01 4.67 -3.51
C GLU A 257 -5.05 4.65 -3.52
N TRP A 258 -5.32 5.15 -2.31
CA TRP A 258 -6.66 5.64 -1.97
C TRP A 258 -6.48 7.03 -1.36
N PHE A 259 -6.65 8.06 -2.18
CA PHE A 259 -6.46 9.43 -1.70
C PHE A 259 -7.38 9.84 -0.56
N LEU A 260 -6.81 10.52 0.42
CA LEU A 260 -7.56 11.10 1.52
C LEU A 260 -7.13 12.55 1.59
N GLY A 261 -8.09 13.46 1.77
CA GLY A 261 -7.76 14.86 1.83
C GLY A 261 -7.38 15.30 3.23
N VAL A 262 -7.06 16.58 3.37
CA VAL A 262 -6.69 17.12 4.68
C VAL A 262 -7.84 16.91 5.64
N ASN A 263 -7.52 16.44 6.84
CA ASN A 263 -8.53 16.18 7.88
C ASN A 263 -9.54 15.08 7.54
N GLU A 264 -9.30 14.33 6.47
CA GLU A 264 -10.24 13.27 6.13
C GLU A 264 -9.89 11.94 6.79
N VAL A 265 -10.82 11.42 7.58
CA VAL A 265 -10.67 10.12 8.22
C VAL A 265 -11.85 9.29 7.69
N SER A 266 -11.53 8.26 6.93
CA SER A 266 -12.55 7.45 6.27
C SER A 266 -12.73 6.02 6.76
N PRO A 267 -13.89 5.70 7.34
CA PRO A 267 -14.17 4.35 7.84
C PRO A 267 -14.11 3.33 6.70
N GLU A 268 -14.52 3.74 5.50
CA GLU A 268 -14.47 2.86 4.33
C GLU A 268 -13.02 2.52 4.02
N ASN A 269 -12.18 3.55 4.10
CA ASN A 269 -10.75 3.41 3.87
C ASN A 269 -10.20 2.36 4.83
N HIS A 270 -10.52 2.49 6.11
CA HIS A 270 -10.06 1.56 7.14
C HIS A 270 -10.52 0.13 6.84
N LYS A 271 -11.80 -0.01 6.53
CA LYS A 271 -12.37 -1.32 6.24
C LYS A 271 -11.68 -1.96 5.04
N PHE A 272 -11.41 -1.17 4.01
CA PHE A 272 -10.73 -1.70 2.83
C PHE A 272 -9.35 -2.26 3.19
N ALA A 273 -8.57 -1.48 3.93
CA ALA A 273 -7.24 -1.91 4.35
C ALA A 273 -7.33 -3.12 5.27
N ASN A 274 -8.39 -3.19 6.06
CA ASN A 274 -8.55 -4.28 7.02
C ASN A 274 -9.11 -5.57 6.44
N GLU A 275 -9.82 -5.50 5.32
CA GLU A 275 -10.45 -6.70 4.78
C GLU A 275 -10.22 -7.05 3.30
N SER A 276 -9.55 -6.17 2.55
CA SER A 276 -9.35 -6.41 1.13
C SER A 276 -8.24 -7.39 0.76
N GLY A 277 -7.24 -7.50 1.61
CA GLY A 277 -6.12 -8.38 1.28
C GLY A 277 -4.90 -7.57 0.91
N MET A 278 -5.05 -6.25 0.93
CA MET A 278 -3.94 -5.35 0.67
C MET A 278 -4.01 -4.21 1.67
N SER A 279 -2.89 -3.52 1.88
CA SER A 279 -2.86 -2.38 2.78
C SER A 279 -3.00 -1.13 1.91
N LEU A 280 -2.72 0.04 2.47
CA LEU A 280 -2.87 1.27 1.70
C LEU A 280 -1.77 2.28 1.91
N LEU A 281 -1.65 3.20 0.97
CA LEU A 281 -0.75 4.33 1.10
C LEU A 281 -1.40 5.11 2.24
N ASP A 282 -0.61 5.50 3.24
CA ASP A 282 -1.12 6.18 4.43
C ASP A 282 -1.34 7.68 4.23
N PHE A 283 -2.41 8.05 3.52
CA PHE A 283 -2.69 9.48 3.30
C PHE A 283 -3.04 10.20 4.59
N ARG A 284 -3.66 9.50 5.52
CA ARG A 284 -4.02 10.10 6.80
C ARG A 284 -2.74 10.57 7.50
N PHE A 285 -1.70 9.76 7.42
CA PHE A 285 -0.40 10.06 8.00
C PHE A 285 0.26 11.21 7.23
N ALA A 286 0.31 11.09 5.91
CA ALA A 286 0.94 12.10 5.06
C ALA A 286 0.32 13.49 5.22
N GLN A 287 -1.01 13.56 5.15
CA GLN A 287 -1.71 14.83 5.26
C GLN A 287 -1.50 15.50 6.62
N LYS A 288 -1.47 14.70 7.69
CA LYS A 288 -1.28 15.26 9.02
C LYS A 288 0.15 15.78 9.15
N VAL A 289 1.12 15.02 8.62
CA VAL A 289 2.51 15.42 8.66
C VAL A 289 2.72 16.74 7.93
N ARG A 290 2.03 16.92 6.81
CA ARG A 290 2.14 18.17 6.07
C ARG A 290 1.51 19.33 6.86
N GLN A 291 0.39 19.07 7.51
CA GLN A 291 -0.26 20.09 8.33
C GLN A 291 0.65 20.57 9.46
N VAL A 292 1.30 19.62 10.10
CA VAL A 292 2.15 19.91 11.26
C VAL A 292 3.56 20.43 10.95
N PHE A 293 4.21 19.85 9.95
CA PHE A 293 5.57 20.22 9.61
C PHE A 293 5.74 21.15 8.43
N ARG A 294 4.74 21.22 7.55
CA ARG A 294 4.84 22.04 6.35
C ARG A 294 3.95 23.29 6.32
N ASP A 295 2.66 23.08 6.51
CA ASP A 295 1.68 24.16 6.38
C ASP A 295 1.24 24.83 7.67
N ASN A 296 1.68 24.30 8.80
CA ASN A 296 1.34 24.88 10.10
C ASN A 296 -0.17 25.05 10.30
N THR A 297 -0.92 24.00 10.02
CA THR A 297 -2.37 24.04 10.19
C THR A 297 -2.85 23.13 11.31
N ASP A 298 -1.91 22.51 12.01
CA ASP A 298 -2.21 21.68 13.17
C ASP A 298 -0.90 21.56 13.94
N ASN A 299 -0.99 21.16 15.20
CA ASN A 299 0.20 21.03 16.04
C ASN A 299 0.49 19.58 16.42
N MET A 300 1.42 19.38 17.35
CA MET A 300 1.80 18.03 17.76
C MET A 300 0.65 17.21 18.36
N TYR A 301 -0.34 17.89 18.94
CA TYR A 301 -1.47 17.18 19.51
C TYR A 301 -2.23 16.48 18.38
N GLY A 302 -2.28 17.13 17.22
CA GLY A 302 -2.95 16.55 16.08
C GLY A 302 -2.15 15.39 15.52
N LEU A 303 -0.82 15.52 15.59
CA LEU A 303 0.06 14.46 15.12
C LEU A 303 -0.13 13.24 16.01
N LYS A 304 -0.12 13.45 17.32
CA LYS A 304 -0.32 12.38 18.29
C LYS A 304 -1.68 11.70 18.08
N ALA A 305 -2.71 12.51 17.88
CA ALA A 305 -4.06 11.99 17.66
C ALA A 305 -4.09 11.08 16.43
N MET A 306 -3.38 11.48 15.37
CA MET A 306 -3.33 10.69 14.15
C MET A 306 -2.62 9.37 14.41
N LEU A 307 -1.53 9.41 15.17
CA LEU A 307 -0.79 8.19 15.49
C LEU A 307 -1.62 7.22 16.32
N GLU A 308 -2.30 7.73 17.34
CA GLU A 308 -3.12 6.88 18.21
C GLU A 308 -4.36 6.36 17.50
N GLY A 309 -5.03 7.23 16.75
CA GLY A 309 -6.22 6.83 16.03
C GLY A 309 -5.93 5.81 14.95
N SER A 310 -4.90 6.04 14.16
CA SER A 310 -4.54 5.13 13.07
C SER A 310 -4.11 3.76 13.59
N ALA A 311 -3.43 3.74 14.73
CA ALA A 311 -2.98 2.46 15.31
C ALA A 311 -4.18 1.63 15.75
N ALA A 312 -5.29 2.31 16.03
CA ALA A 312 -6.51 1.62 16.46
C ALA A 312 -7.44 1.31 15.29
N ASP A 313 -7.45 2.19 14.28
CA ASP A 313 -8.33 2.02 13.13
C ASP A 313 -7.87 1.00 12.10
N TYR A 314 -6.55 0.88 11.92
CA TYR A 314 -5.99 -0.08 10.98
C TYR A 314 -5.58 -1.34 11.73
N ALA A 315 -6.14 -2.48 11.32
CA ALA A 315 -5.82 -3.76 11.96
C ALA A 315 -4.32 -4.04 11.88
N GLN A 316 -3.71 -3.70 10.75
CA GLN A 316 -2.26 -3.85 10.59
C GLN A 316 -1.68 -2.50 10.19
N VAL A 317 -1.54 -1.59 11.16
CA VAL A 317 -1.04 -0.26 10.89
C VAL A 317 0.40 -0.32 10.35
N ASP A 318 1.12 -1.36 10.70
CA ASP A 318 2.51 -1.50 10.29
C ASP A 318 2.65 -1.84 8.80
N ASP A 319 1.53 -2.10 8.12
CA ASP A 319 1.56 -2.37 6.69
C ASP A 319 1.20 -1.15 5.84
N GLN A 320 0.81 -0.06 6.48
CA GLN A 320 0.46 1.14 5.72
C GLN A 320 1.73 1.83 5.24
N VAL A 321 1.74 2.23 3.97
CA VAL A 321 2.92 2.85 3.37
C VAL A 321 2.90 4.36 3.55
N THR A 322 3.80 4.85 4.38
CA THR A 322 3.87 6.27 4.71
C THR A 322 4.67 7.10 3.72
N PHE A 323 4.41 8.40 3.69
CA PHE A 323 5.09 9.32 2.78
C PHE A 323 4.75 10.75 3.18
N ILE A 324 5.50 11.72 2.65
CA ILE A 324 5.22 13.13 2.95
C ILE A 324 4.79 13.86 1.68
N ASP A 325 4.97 13.21 0.54
CA ASP A 325 4.51 13.71 -0.76
C ASP A 325 4.61 12.58 -1.79
N ASN A 326 4.09 12.82 -2.98
CA ASN A 326 4.09 11.82 -4.04
C ASN A 326 3.99 12.47 -5.41
N HIS A 327 3.75 11.65 -6.44
CA HIS A 327 3.68 12.14 -7.81
C HIS A 327 2.42 12.93 -8.17
N ASP A 328 1.49 13.07 -7.22
CA ASP A 328 0.28 13.83 -7.49
C ASP A 328 0.22 15.18 -6.79
N MET A 329 0.66 15.22 -5.53
CA MET A 329 0.61 16.47 -4.76
C MET A 329 1.89 17.32 -4.87
N GLU A 330 1.80 18.57 -4.43
CA GLU A 330 2.94 19.47 -4.47
C GLU A 330 4.04 18.86 -3.62
N ARG A 331 5.29 19.07 -4.02
CA ARG A 331 6.42 18.54 -3.25
C ARG A 331 6.43 19.19 -1.88
N PHE A 332 6.81 18.41 -0.87
CA PHE A 332 6.82 18.89 0.50
C PHE A 332 7.64 20.16 0.66
N HIS A 333 8.86 20.17 0.14
CA HIS A 333 9.72 21.33 0.26
C HIS A 333 9.32 22.49 -0.65
N ALA A 334 8.89 23.59 -0.06
CA ALA A 334 8.53 24.78 -0.82
C ALA A 334 9.81 25.56 -1.10
N SER A 335 9.86 26.22 -2.27
CA SER A 335 11.04 26.98 -2.67
C SER A 335 11.61 27.90 -1.60
N ASN A 336 10.73 28.66 -0.95
CA ASN A 336 11.14 29.64 0.05
C ASN A 336 11.08 29.12 1.49
N ALA A 337 10.97 27.81 1.66
CA ALA A 337 10.86 27.24 3.00
C ALA A 337 12.19 26.82 3.60
N ASN A 338 12.24 26.81 4.93
CA ASN A 338 13.43 26.37 5.65
C ASN A 338 13.54 24.86 5.42
N ARG A 339 14.72 24.42 5.00
CA ARG A 339 14.94 23.01 4.72
C ARG A 339 14.80 22.08 5.93
N ARG A 340 14.87 22.64 7.13
CA ARG A 340 14.74 21.81 8.32
C ARG A 340 13.35 21.18 8.41
N LYS A 341 12.34 21.86 7.86
CA LYS A 341 10.98 21.32 7.88
C LYS A 341 10.92 19.98 7.16
N LEU A 342 11.56 19.92 5.98
CA LEU A 342 11.61 18.68 5.20
C LEU A 342 12.43 17.63 5.93
N GLU A 343 13.58 18.04 6.46
CA GLU A 343 14.46 17.13 7.17
C GLU A 343 13.78 16.48 8.38
N GLN A 344 12.97 17.26 9.10
CA GLN A 344 12.25 16.72 10.26
C GLN A 344 11.15 15.76 9.82
N ALA A 345 10.41 16.15 8.78
CA ALA A 345 9.34 15.30 8.27
C ALA A 345 9.91 13.95 7.83
N LEU A 346 11.10 13.98 7.24
CA LEU A 346 11.76 12.75 6.82
C LEU A 346 12.16 11.90 8.03
N ALA A 347 12.81 12.54 9.01
CA ALA A 347 13.23 11.83 10.21
C ALA A 347 12.02 11.20 10.91
N PHE A 348 10.93 11.96 11.00
CA PHE A 348 9.71 11.48 11.63
C PHE A 348 9.19 10.25 10.90
N THR A 349 9.04 10.37 9.59
CA THR A 349 8.53 9.28 8.77
C THR A 349 9.41 8.02 8.82
N LEU A 350 10.72 8.22 8.73
CA LEU A 350 11.65 7.10 8.75
C LEU A 350 11.67 6.31 10.05
N THR A 351 11.31 6.96 11.16
CA THR A 351 11.30 6.31 12.47
C THR A 351 9.91 5.94 12.97
N SER A 352 8.88 6.23 12.18
CA SER A 352 7.51 5.94 12.58
C SER A 352 7.02 4.58 12.06
N ARG A 353 5.86 4.15 12.54
CA ARG A 353 5.30 2.87 12.15
C ARG A 353 4.90 2.83 10.69
N GLY A 354 4.88 1.63 10.12
CA GLY A 354 4.49 1.46 8.72
C GLY A 354 5.64 1.11 7.80
N VAL A 355 5.53 1.55 6.56
CA VAL A 355 6.55 1.32 5.54
C VAL A 355 6.82 2.67 4.87
N PRO A 356 7.95 3.31 5.18
CA PRO A 356 8.32 4.62 4.62
C PRO A 356 8.63 4.58 3.13
N ALA A 357 8.13 5.57 2.40
CA ALA A 357 8.37 5.67 0.96
C ALA A 357 8.73 7.11 0.60
N ILE A 358 9.98 7.30 0.17
CA ILE A 358 10.50 8.62 -0.17
C ILE A 358 10.38 8.91 -1.67
N TYR A 359 9.69 9.99 -2.01
CA TYR A 359 9.49 10.37 -3.41
C TYR A 359 10.86 10.77 -4.00
N TYR A 360 11.18 10.29 -5.19
CA TYR A 360 12.48 10.58 -5.80
C TYR A 360 12.77 12.08 -5.81
N GLY A 361 14.02 12.45 -5.52
CA GLY A 361 14.41 13.85 -5.56
C GLY A 361 14.19 14.64 -4.28
N THR A 362 13.41 14.07 -3.35
CA THR A 362 13.16 14.73 -2.07
C THR A 362 14.49 15.10 -1.41
N GLU A 363 15.43 14.16 -1.46
CA GLU A 363 16.73 14.35 -0.83
C GLU A 363 17.60 15.38 -1.53
N GLN A 364 17.15 15.86 -2.69
CA GLN A 364 17.88 16.90 -3.41
C GLN A 364 17.17 18.25 -3.25
N TYR A 365 16.20 18.30 -2.35
CA TYR A 365 15.44 19.51 -2.06
C TYR A 365 14.68 20.03 -3.27
N MET A 366 14.13 19.12 -4.07
CA MET A 366 13.35 19.51 -5.23
C MET A 366 12.05 20.15 -4.77
N SER A 367 11.63 21.19 -5.48
CA SER A 367 10.36 21.88 -5.18
C SER A 367 9.51 21.80 -6.44
N GLY A 368 8.20 21.88 -6.29
CA GLY A 368 7.33 21.82 -7.45
C GLY A 368 5.87 21.74 -7.08
N GLY A 369 5.04 22.38 -7.90
CA GLY A 369 3.61 22.37 -7.65
C GLY A 369 2.98 21.06 -8.04
N THR A 370 1.67 21.05 -8.26
CA THR A 370 0.97 19.83 -8.63
C THR A 370 1.30 19.36 -10.04
N ASP A 371 0.99 18.10 -10.29
CA ASP A 371 1.20 17.44 -11.58
C ASP A 371 1.03 18.40 -12.75
N PRO A 372 2.03 18.50 -13.64
CA PRO A 372 3.30 17.76 -13.70
C PRO A 372 4.51 18.46 -13.07
N ASP A 373 4.31 19.62 -12.46
CA ASP A 373 5.42 20.38 -11.89
C ASP A 373 6.19 19.66 -10.78
N ASN A 374 5.59 18.61 -10.24
CA ASN A 374 6.24 17.83 -9.18
C ASN A 374 6.98 16.63 -9.79
N ARG A 375 7.05 16.60 -11.12
CA ARG A 375 7.69 15.48 -11.82
C ARG A 375 8.90 15.89 -12.65
N ALA A 376 9.65 16.87 -12.17
CA ALA A 376 10.84 17.31 -12.89
C ALA A 376 11.93 16.25 -12.83
N ARG A 377 12.85 16.29 -13.78
CA ARG A 377 13.96 15.35 -13.79
C ARG A 377 14.80 15.63 -12.54
N ILE A 378 15.24 14.59 -11.85
CA ILE A 378 16.05 14.78 -10.66
C ILE A 378 17.28 15.59 -11.10
N PRO A 379 17.52 16.74 -10.48
CA PRO A 379 18.63 17.64 -10.81
C PRO A 379 20.04 17.26 -10.38
N SER A 380 20.15 16.32 -9.45
CA SER A 380 21.47 15.96 -8.93
C SER A 380 21.46 14.61 -8.23
N PHE A 381 22.63 13.98 -8.19
CA PHE A 381 22.79 12.71 -7.50
C PHE A 381 23.85 12.89 -6.42
N SER A 382 23.74 14.00 -5.70
CA SER A 382 24.67 14.34 -4.63
C SER A 382 24.36 13.60 -3.33
N THR A 383 25.40 13.09 -2.68
CA THR A 383 25.25 12.40 -1.40
C THR A 383 25.55 13.39 -0.28
N SER A 384 25.85 14.63 -0.66
CA SER A 384 26.26 15.65 0.29
C SER A 384 25.18 16.52 0.94
N THR A 385 23.92 16.35 0.55
CA THR A 385 22.85 17.14 1.14
C THR A 385 22.54 16.62 2.54
N THR A 386 22.05 17.50 3.41
CA THR A 386 21.69 17.09 4.76
C THR A 386 20.59 16.04 4.71
N ALA A 387 19.62 16.23 3.81
CA ALA A 387 18.52 15.29 3.66
C ALA A 387 19.02 13.89 3.31
N TYR A 388 19.97 13.81 2.39
CA TYR A 388 20.53 12.52 2.00
C TYR A 388 21.13 11.85 3.24
N GLN A 389 21.85 12.63 4.04
CA GLN A 389 22.48 12.12 5.26
C GLN A 389 21.47 11.68 6.33
N VAL A 390 20.35 12.39 6.43
CA VAL A 390 19.31 12.02 7.39
C VAL A 390 18.81 10.62 7.07
N ILE A 391 18.51 10.39 5.79
CA ILE A 391 18.01 9.11 5.33
C ILE A 391 19.07 8.03 5.54
N GLN A 392 20.30 8.36 5.19
CA GLN A 392 21.43 7.45 5.32
C GLN A 392 21.60 6.98 6.77
N LYS A 393 21.39 7.88 7.73
CA LYS A 393 21.55 7.55 9.13
C LYS A 393 20.36 6.82 9.76
N LEU A 394 19.15 7.13 9.32
CA LEU A 394 17.96 6.54 9.90
C LEU A 394 17.36 5.33 9.19
N ALA A 395 17.47 5.30 7.86
CA ALA A 395 16.92 4.18 7.09
C ALA A 395 17.41 2.82 7.62
N PRO A 396 18.73 2.67 7.84
CA PRO A 396 19.27 1.40 8.33
C PRO A 396 18.70 0.93 9.68
N LEU A 397 18.18 1.86 10.46
CA LEU A 397 17.61 1.51 11.77
C LEU A 397 16.40 0.61 11.65
N ARG A 398 15.67 0.73 10.54
CA ARG A 398 14.48 -0.10 10.35
C ARG A 398 14.88 -1.57 10.22
N LYS A 399 16.14 -1.80 9.84
CA LYS A 399 16.68 -3.16 9.73
C LYS A 399 17.30 -3.60 11.06
N SER A 400 18.10 -2.73 11.65
CA SER A 400 18.82 -3.08 12.89
C SER A 400 18.00 -3.03 14.17
N ASN A 401 16.95 -2.20 14.20
CA ASN A 401 16.13 -2.07 15.41
C ASN A 401 14.67 -2.38 15.12
N PRO A 402 14.20 -3.58 15.50
CA PRO A 402 12.81 -4.01 15.28
C PRO A 402 11.74 -3.14 15.94
N ALA A 403 12.14 -2.29 16.90
CA ALA A 403 11.17 -1.40 17.51
C ALA A 403 10.66 -0.42 16.46
N ILE A 404 11.55 -0.03 15.54
CA ILE A 404 11.19 0.89 14.47
C ILE A 404 10.32 0.19 13.44
N ALA A 405 10.67 -1.05 13.12
CA ALA A 405 9.93 -1.82 12.13
C ALA A 405 8.58 -2.34 12.60
N TYR A 406 8.52 -2.83 13.84
CA TYR A 406 7.31 -3.46 14.35
C TYR A 406 6.76 -2.90 15.66
N GLY A 407 7.46 -1.93 16.24
CA GLY A 407 7.04 -1.43 17.54
C GLY A 407 5.77 -0.62 17.67
N SER A 408 5.23 -0.61 18.89
CA SER A 408 4.08 0.20 19.22
C SER A 408 4.59 1.64 19.23
N THR A 409 3.69 2.61 19.35
CA THR A 409 4.06 4.01 19.39
C THR A 409 3.42 4.64 20.63
N GLN A 410 4.22 5.29 21.46
CA GLN A 410 3.69 5.94 22.66
C GLN A 410 4.28 7.34 22.84
N GLU A 411 3.41 8.32 23.06
CA GLU A 411 3.84 9.68 23.30
C GLU A 411 4.47 9.73 24.70
N ARG A 412 5.69 10.25 24.78
CA ARG A 412 6.40 10.35 26.05
C ARG A 412 6.57 11.80 26.54
N TRP A 413 6.43 12.76 25.63
CA TRP A 413 6.54 14.17 26.00
C TRP A 413 5.85 14.94 24.88
N ILE A 414 5.14 16.02 25.22
CA ILE A 414 4.43 16.76 24.18
C ILE A 414 3.92 18.14 24.58
N ASN A 415 3.98 19.06 23.62
CA ASN A 415 3.39 20.38 23.76
C ASN A 415 3.07 20.83 22.33
N ASN A 416 2.70 22.08 22.13
CA ASN A 416 2.36 22.55 20.78
C ASN A 416 3.38 22.15 19.72
N ASP A 417 4.66 22.39 20.02
CA ASP A 417 5.72 22.19 19.04
C ASP A 417 6.63 21.00 19.21
N VAL A 418 6.54 20.34 20.36
CA VAL A 418 7.41 19.21 20.63
C VAL A 418 6.66 17.90 20.78
N LEU A 419 7.20 16.85 20.17
CA LEU A 419 6.66 15.51 20.35
C LEU A 419 7.84 14.57 20.54
N ILE A 420 7.83 13.85 21.66
CA ILE A 420 8.87 12.85 21.89
C ILE A 420 8.08 11.56 21.99
N TYR A 421 8.33 10.64 21.05
CA TYR A 421 7.61 9.38 21.04
C TYR A 421 8.55 8.20 21.15
N GLU A 422 8.01 7.09 21.63
CA GLU A 422 8.80 5.89 21.82
C GLU A 422 8.24 4.71 21.02
N ARG A 423 9.14 3.97 20.40
CA ARG A 423 8.80 2.77 19.65
C ARG A 423 9.34 1.63 20.48
N LYS A 424 8.56 0.58 20.65
CA LYS A 424 9.02 -0.55 21.45
C LYS A 424 8.56 -1.90 20.92
N PHE A 425 9.49 -2.83 20.82
CA PHE A 425 9.19 -4.18 20.36
C PHE A 425 10.11 -5.13 21.11
N GLY A 426 9.54 -5.95 21.99
CA GLY A 426 10.36 -6.85 22.77
C GLY A 426 11.31 -6.03 23.62
N SER A 427 12.58 -6.41 23.63
CA SER A 427 13.58 -5.71 24.42
C SER A 427 14.15 -4.50 23.68
N ASN A 428 13.65 -4.25 22.47
CA ASN A 428 14.16 -3.16 21.65
C ASN A 428 13.38 -1.87 21.85
N VAL A 429 14.12 -0.76 21.90
CA VAL A 429 13.51 0.55 22.11
C VAL A 429 14.14 1.65 21.28
N ALA A 430 13.31 2.60 20.86
CA ALA A 430 13.78 3.76 20.11
C ALA A 430 12.95 4.95 20.59
N VAL A 431 13.64 6.04 20.91
CA VAL A 431 12.97 7.26 21.36
C VAL A 431 13.34 8.36 20.40
N VAL A 432 12.34 9.09 19.90
CA VAL A 432 12.57 10.17 18.95
C VAL A 432 11.99 11.48 19.46
N ALA A 433 12.81 12.53 19.44
CA ALA A 433 12.40 13.85 19.89
C ALA A 433 12.42 14.81 18.70
N VAL A 434 11.34 15.53 18.50
CA VAL A 434 11.26 16.50 17.42
C VAL A 434 10.66 17.82 17.91
N ASN A 435 11.38 18.91 17.68
CA ASN A 435 10.91 20.24 18.04
C ASN A 435 10.74 20.98 16.72
N ARG A 436 9.50 21.13 16.27
CA ARG A 436 9.22 21.78 14.99
C ARG A 436 9.44 23.29 15.04
N ASN A 437 9.46 23.86 16.24
CA ASN A 437 9.65 25.31 16.35
C ASN A 437 11.08 25.65 15.97
N LEU A 438 11.25 26.30 14.82
CA LEU A 438 12.57 26.65 14.32
C LEU A 438 13.20 27.86 15.02
N ASN A 439 12.43 28.50 15.89
CA ASN A 439 12.91 29.70 16.58
C ASN A 439 13.04 29.55 18.08
N ALA A 440 12.40 28.54 18.65
CA ALA A 440 12.42 28.41 20.10
C ALA A 440 12.77 27.03 20.63
N PRO A 441 13.79 26.95 21.49
CA PRO A 441 14.17 25.66 22.06
C PRO A 441 13.13 25.29 23.13
N ALA A 442 13.18 24.05 23.60
CA ALA A 442 12.25 23.60 24.63
C ALA A 442 13.02 22.91 25.76
N SER A 443 12.58 23.13 26.99
CA SER A 443 13.21 22.49 28.15
C SER A 443 12.50 21.17 28.39
N ILE A 444 13.22 20.07 28.18
CA ILE A 444 12.62 18.75 28.38
C ILE A 444 12.98 18.19 29.75
N SER A 445 12.02 18.26 30.67
CA SER A 445 12.21 17.72 32.01
C SER A 445 11.02 16.78 32.25
N GLY A 446 11.23 15.75 33.04
CA GLY A 446 10.16 14.81 33.33
C GLY A 446 9.94 13.76 32.26
N LEU A 447 10.89 13.63 31.33
CA LEU A 447 10.76 12.63 30.28
C LEU A 447 11.06 11.24 30.86
N VAL A 448 10.16 10.30 30.63
CA VAL A 448 10.34 8.93 31.09
C VAL A 448 10.26 8.03 29.86
N THR A 449 11.15 7.03 29.78
CA THR A 449 11.17 6.12 28.64
C THR A 449 11.39 4.68 29.10
N SER A 450 11.45 3.77 28.14
CA SER A 450 11.70 2.36 28.42
C SER A 450 13.18 2.06 28.19
N LEU A 451 13.97 3.09 27.94
CA LEU A 451 15.40 2.92 27.71
C LEU A 451 16.12 2.56 29.00
N PRO A 452 17.03 1.56 28.94
CA PRO A 452 17.77 1.17 30.13
C PRO A 452 18.67 2.31 30.58
N GLN A 453 19.05 2.32 31.85
CA GLN A 453 19.92 3.36 32.37
C GLN A 453 21.18 3.44 31.52
N GLY A 454 21.63 4.66 31.25
CA GLY A 454 22.83 4.83 30.44
C GLY A 454 22.82 6.13 29.65
N SER A 455 23.87 6.32 28.85
CA SER A 455 24.01 7.51 28.03
C SER A 455 23.85 7.10 26.57
N TYR A 456 22.95 7.80 25.86
CA TYR A 456 22.65 7.49 24.48
C TYR A 456 23.01 8.62 23.52
N ASN A 457 23.81 8.27 22.50
CA ASN A 457 24.21 9.24 21.49
C ASN A 457 23.09 9.40 20.47
N ASP A 458 22.95 10.60 19.93
CA ASP A 458 21.96 10.86 18.90
C ASP A 458 22.40 10.09 17.66
N VAL A 459 21.51 9.24 17.14
CA VAL A 459 21.83 8.46 15.95
C VAL A 459 22.12 9.39 14.77
N LEU A 460 21.51 10.55 14.77
CA LEU A 460 21.73 11.55 13.71
C LEU A 460 23.06 12.28 13.92
N GLY A 461 23.73 11.96 15.02
CA GLY A 461 25.02 12.58 15.32
C GLY A 461 25.00 14.09 15.36
N GLY A 462 23.88 14.66 15.79
CA GLY A 462 23.78 16.11 15.88
C GLY A 462 23.48 16.80 14.55
N LEU A 463 23.33 16.02 13.48
CA LEU A 463 23.05 16.58 12.16
C LEU A 463 21.87 17.54 12.18
N LEU A 464 20.83 17.20 12.93
CA LEU A 464 19.65 18.05 13.04
C LEU A 464 19.58 18.69 14.42
N ASN A 465 20.76 19.05 14.94
CA ASN A 465 20.90 19.69 16.25
C ASN A 465 20.39 18.86 17.42
N GLY A 466 20.51 17.54 17.30
CA GLY A 466 20.09 16.67 18.38
C GLY A 466 21.15 16.66 19.47
N ASN A 467 20.87 15.97 20.56
CA ASN A 467 21.80 15.93 21.69
C ASN A 467 21.88 14.53 22.26
N THR A 468 22.83 14.33 23.15
CA THR A 468 22.98 13.04 23.84
C THR A 468 21.91 13.00 24.93
N LEU A 469 21.44 11.80 25.25
CA LEU A 469 20.43 11.63 26.28
C LEU A 469 21.01 10.85 27.46
N SER A 470 20.75 11.34 28.68
CA SER A 470 21.21 10.66 29.88
C SER A 470 20.01 10.06 30.60
N VAL A 471 19.98 8.74 30.68
CA VAL A 471 18.87 8.04 31.31
C VAL A 471 19.29 7.41 32.63
N GLY A 472 18.55 7.73 33.70
CA GLY A 472 18.85 7.19 35.00
C GLY A 472 18.00 5.96 35.25
N SER A 473 17.84 5.60 36.53
CA SER A 473 17.02 4.44 36.88
C SER A 473 15.57 4.75 36.57
N GLY A 474 14.78 3.72 36.29
CA GLY A 474 13.38 3.92 35.99
C GLY A 474 13.12 4.52 34.62
N GLY A 475 14.19 4.64 33.82
CA GLY A 475 14.05 5.18 32.48
C GLY A 475 13.84 6.69 32.44
N ALA A 476 14.07 7.35 33.57
CA ALA A 476 13.91 8.79 33.66
C ALA A 476 15.11 9.52 33.07
N ALA A 477 14.85 10.41 32.11
CA ALA A 477 15.92 11.15 31.46
C ALA A 477 16.25 12.44 32.21
N SER A 478 17.54 12.77 32.28
CA SER A 478 17.98 13.99 32.93
C SER A 478 17.49 15.17 32.10
N ASN A 479 17.22 16.30 32.75
CA ASN A 479 16.76 17.48 32.06
C ASN A 479 17.71 17.85 30.93
N PHE A 480 17.17 18.22 29.78
CA PHE A 480 18.00 18.64 28.66
C PHE A 480 17.26 19.66 27.82
N THR A 481 18.02 20.38 27.00
CA THR A 481 17.43 21.37 26.11
C THR A 481 17.29 20.77 24.72
N LEU A 482 16.08 20.81 24.18
CA LEU A 482 15.86 20.35 22.82
C LEU A 482 15.93 21.61 21.98
N ALA A 483 17.01 21.72 21.21
CA ALA A 483 17.26 22.90 20.39
C ALA A 483 16.14 23.24 19.42
N ALA A 484 16.11 24.51 19.00
CA ALA A 484 15.14 24.97 18.02
C ALA A 484 15.37 24.12 16.77
N GLY A 485 14.30 23.57 16.22
CA GLY A 485 14.43 22.73 15.04
C GLY A 485 15.14 21.42 15.35
N GLY A 486 15.37 21.16 16.63
CA GLY A 486 16.06 19.96 17.04
C GLY A 486 15.33 18.66 16.78
N THR A 487 16.10 17.66 16.35
CA THR A 487 15.57 16.33 16.08
C THR A 487 16.65 15.36 16.51
N ALA A 488 16.30 14.45 17.42
CA ALA A 488 17.25 13.47 17.92
C ALA A 488 16.63 12.09 17.99
N VAL A 489 17.46 11.07 17.84
CA VAL A 489 17.00 9.69 17.88
C VAL A 489 17.91 8.89 18.81
N TRP A 490 17.31 8.26 19.82
CA TRP A 490 18.06 7.45 20.77
C TRP A 490 17.49 6.04 20.70
N GLN A 491 18.36 5.04 20.71
CA GLN A 491 17.87 3.67 20.59
C GLN A 491 18.66 2.64 21.36
N TYR A 492 18.03 1.49 21.56
CA TYR A 492 18.60 0.38 22.31
C TYR A 492 18.09 -0.93 21.73
N THR A 493 19.01 -1.87 21.50
CA THR A 493 18.64 -3.18 20.99
C THR A 493 19.21 -4.26 21.89
N ALA A 494 18.49 -5.36 22.01
CA ALA A 494 18.93 -6.48 22.83
C ALA A 494 18.07 -7.70 22.49
N ALA A 495 18.60 -8.88 22.78
CA ALA A 495 17.87 -10.12 22.50
C ALA A 495 16.55 -10.14 23.26
N THR A 496 15.52 -10.70 22.62
CA THR A 496 14.21 -10.80 23.24
C THR A 496 14.01 -12.25 23.68
N ALA A 497 13.80 -12.45 24.97
CA ALA A 497 13.65 -13.80 25.53
C ALA A 497 12.35 -14.50 25.13
N THR A 498 11.26 -13.74 25.07
CA THR A 498 9.96 -14.31 24.75
C THR A 498 9.61 -14.19 23.27
N PRO A 499 9.03 -15.25 22.68
CA PRO A 499 8.65 -15.20 21.27
C PRO A 499 7.74 -14.00 21.07
N THR A 500 8.08 -13.15 20.11
CA THR A 500 7.29 -11.95 19.86
C THR A 500 7.06 -11.76 18.37
N ILE A 501 5.79 -11.75 17.97
CA ILE A 501 5.42 -11.57 16.57
C ILE A 501 5.31 -10.09 16.24
N GLY A 502 6.02 -9.66 15.21
CA GLY A 502 5.96 -8.27 14.80
C GLY A 502 5.22 -8.07 13.48
N HIS A 503 5.12 -9.13 12.70
CA HIS A 503 4.44 -9.03 11.40
C HIS A 503 4.08 -10.39 10.84
N VAL A 504 2.99 -10.43 10.08
CA VAL A 504 2.52 -11.63 9.41
C VAL A 504 2.06 -11.24 8.01
N GLY A 505 2.44 -12.05 7.02
CA GLY A 505 2.04 -11.76 5.65
C GLY A 505 2.16 -12.98 4.77
N PRO A 506 1.22 -13.20 3.83
CA PRO A 506 0.04 -12.34 3.62
C PRO A 506 -0.97 -12.55 4.74
N MET A 507 -1.98 -11.69 4.81
CA MET A 507 -3.00 -11.78 5.87
C MET A 507 -4.31 -12.41 5.37
N MET A 508 -4.29 -12.92 4.14
CA MET A 508 -5.48 -13.53 3.55
C MET A 508 -5.09 -14.55 2.50
N ALA A 509 -5.44 -15.81 2.73
CA ALA A 509 -5.13 -16.88 1.78
C ALA A 509 -5.87 -18.17 2.12
N LYS A 510 -5.87 -19.11 1.19
CA LYS A 510 -6.54 -20.40 1.39
C LYS A 510 -5.55 -21.37 2.05
N PRO A 511 -6.05 -22.47 2.63
CA PRO A 511 -5.17 -23.45 3.27
C PRO A 511 -4.11 -23.95 2.28
N GLY A 512 -2.94 -24.31 2.79
CA GLY A 512 -1.89 -24.81 1.93
C GLY A 512 -0.90 -23.74 1.53
N VAL A 513 -1.35 -22.49 1.52
CA VAL A 513 -0.48 -21.37 1.16
C VAL A 513 0.49 -21.12 2.31
N THR A 514 1.71 -20.72 1.97
CA THR A 514 2.73 -20.45 2.99
C THR A 514 2.73 -19.00 3.41
N ILE A 515 2.65 -18.75 4.72
CA ILE A 515 2.68 -17.39 5.23
C ILE A 515 3.99 -17.17 5.97
N THR A 516 4.35 -15.90 6.12
CA THR A 516 5.61 -15.54 6.77
C THR A 516 5.35 -14.80 8.08
N ILE A 517 5.85 -15.37 9.17
CA ILE A 517 5.69 -14.78 10.48
C ILE A 517 7.05 -14.24 10.95
N ASP A 518 7.15 -12.92 11.08
CA ASP A 518 8.38 -12.26 11.48
C ASP A 518 8.31 -11.66 12.87
N GLY A 519 9.46 -11.62 13.55
CA GLY A 519 9.52 -11.06 14.88
C GLY A 519 10.87 -11.34 15.53
N ARG A 520 10.86 -11.55 16.84
CA ARG A 520 12.08 -11.86 17.58
C ARG A 520 11.79 -12.88 18.67
N GLY A 521 12.83 -13.60 19.10
CA GLY A 521 12.69 -14.57 20.16
C GLY A 521 12.00 -15.88 19.82
N PHE A 522 11.96 -16.26 18.54
CA PHE A 522 11.32 -17.52 18.17
C PHE A 522 12.19 -18.73 18.50
N GLY A 523 13.49 -18.50 18.66
CA GLY A 523 14.41 -19.60 18.93
C GLY A 523 14.84 -20.26 17.63
N SER A 524 15.84 -21.12 17.68
CA SER A 524 16.33 -21.76 16.46
C SER A 524 15.64 -23.10 16.15
N SER A 525 15.04 -23.73 17.16
CA SER A 525 14.35 -25.00 16.97
C SER A 525 12.87 -24.79 16.68
N LYS A 526 12.33 -25.58 15.76
CA LYS A 526 10.91 -25.47 15.39
C LYS A 526 10.02 -25.53 16.63
N GLY A 527 9.07 -24.61 16.69
CA GLY A 527 8.13 -24.59 17.79
C GLY A 527 6.77 -25.00 17.27
N THR A 528 5.74 -24.25 17.66
CA THR A 528 4.38 -24.51 17.23
C THR A 528 3.74 -23.22 16.73
N VAL A 529 2.86 -23.34 15.73
CA VAL A 529 2.15 -22.18 15.21
C VAL A 529 0.67 -22.42 15.43
N TYR A 530 -0.04 -21.40 15.94
CA TYR A 530 -1.47 -21.55 16.17
C TYR A 530 -2.32 -20.65 15.28
N PHE A 531 -3.36 -21.25 14.72
CA PHE A 531 -4.35 -20.53 13.92
C PHE A 531 -5.62 -20.72 14.76
N GLY A 532 -5.91 -19.74 15.60
CA GLY A 532 -7.03 -19.90 16.51
C GLY A 532 -6.54 -20.94 17.51
N THR A 533 -7.34 -21.95 17.78
CA THR A 533 -6.95 -23.01 18.71
C THR A 533 -6.20 -24.13 18.00
N THR A 534 -6.23 -24.14 16.67
CA THR A 534 -5.56 -25.19 15.90
C THR A 534 -4.04 -25.08 15.95
N ALA A 535 -3.38 -26.18 16.30
CA ALA A 535 -1.92 -26.21 16.40
C ALA A 535 -1.28 -26.81 15.16
N VAL A 536 -0.21 -26.16 14.71
CA VAL A 536 0.55 -26.60 13.55
C VAL A 536 2.01 -26.75 13.97
N SER A 537 2.60 -27.91 13.71
CA SER A 537 3.99 -28.16 14.05
C SER A 537 4.55 -29.20 13.09
N GLY A 538 5.87 -29.37 13.12
CA GLY A 538 6.49 -30.36 12.26
C GLY A 538 6.65 -29.93 10.80
N ALA A 539 6.38 -30.87 9.90
CA ALA A 539 6.57 -30.67 8.47
C ALA A 539 5.94 -29.43 7.85
N ASP A 540 4.71 -29.10 8.23
CA ASP A 540 4.05 -27.92 7.65
C ASP A 540 4.70 -26.60 8.02
N ILE A 541 5.58 -26.63 9.02
CA ILE A 541 6.38 -25.46 9.34
C ILE A 541 7.60 -25.67 8.45
N THR A 542 7.58 -25.06 7.28
CA THR A 542 8.65 -25.24 6.30
C THR A 542 10.03 -24.88 6.85
N SER A 543 10.11 -23.76 7.56
CA SER A 543 11.38 -23.33 8.13
C SER A 543 11.12 -22.49 9.36
N TRP A 544 12.09 -22.48 10.27
CA TRP A 544 11.95 -21.75 11.51
C TRP A 544 13.30 -21.27 12.02
N GLU A 545 13.39 -19.99 12.32
CA GLU A 545 14.58 -19.42 12.93
C GLU A 545 14.16 -18.25 13.81
N ASP A 546 15.09 -17.69 14.57
CA ASP A 546 14.74 -16.66 15.54
C ASP A 546 13.87 -15.49 15.08
N THR A 547 14.08 -15.00 13.86
CA THR A 547 13.31 -13.85 13.40
C THR A 547 12.26 -14.15 12.34
N GLN A 548 12.23 -15.37 11.82
CA GLN A 548 11.29 -15.69 10.77
C GLN A 548 10.81 -17.13 10.73
N ILE A 549 9.51 -17.30 10.50
CA ILE A 549 8.90 -18.61 10.39
C ILE A 549 8.10 -18.68 9.10
N LYS A 550 8.29 -19.78 8.37
CA LYS A 550 7.53 -20.04 7.14
C LYS A 550 6.65 -21.23 7.48
N VAL A 551 5.34 -21.06 7.39
CA VAL A 551 4.40 -22.12 7.73
C VAL A 551 3.18 -22.15 6.82
N LYS A 552 2.74 -23.36 6.51
CA LYS A 552 1.57 -23.54 5.65
C LYS A 552 0.27 -23.42 6.45
N ILE A 553 -0.70 -22.72 5.89
CA ILE A 553 -2.00 -22.53 6.52
C ILE A 553 -2.72 -23.87 6.59
N PRO A 554 -3.15 -24.27 7.79
CA PRO A 554 -3.85 -25.55 7.94
C PRO A 554 -5.22 -25.55 7.29
N ALA A 555 -5.75 -26.72 6.98
CA ALA A 555 -7.06 -26.85 6.37
C ALA A 555 -8.15 -26.63 7.41
N VAL A 556 -8.35 -25.38 7.81
CA VAL A 556 -9.40 -25.04 8.76
C VAL A 556 -10.51 -24.34 7.99
N ALA A 557 -11.70 -24.26 8.58
CA ALA A 557 -12.83 -23.61 7.93
C ALA A 557 -12.49 -22.14 7.65
N GLY A 558 -13.04 -21.61 6.57
CA GLY A 558 -12.80 -20.22 6.24
C GLY A 558 -13.24 -19.35 7.41
N GLY A 559 -12.50 -18.28 7.67
CA GLY A 559 -12.85 -17.41 8.78
C GLY A 559 -11.69 -16.55 9.20
N ASN A 560 -11.88 -15.77 10.26
CA ASN A 560 -10.86 -14.87 10.77
C ASN A 560 -10.21 -15.52 11.99
N TYR A 561 -8.88 -15.62 11.98
CA TYR A 561 -8.15 -16.28 13.06
C TYR A 561 -7.05 -15.44 13.69
N ASN A 562 -6.77 -15.72 14.96
CA ASN A 562 -5.67 -15.07 15.66
C ASN A 562 -4.44 -15.95 15.44
N ILE A 563 -3.31 -15.33 15.13
CA ILE A 563 -2.08 -16.08 14.92
C ILE A 563 -1.21 -15.95 16.17
N LYS A 564 -0.62 -17.06 16.58
CA LYS A 564 0.25 -17.08 17.75
C LYS A 564 1.27 -18.20 17.55
N VAL A 565 2.42 -18.07 18.19
CA VAL A 565 3.44 -19.11 18.09
C VAL A 565 3.99 -19.39 19.49
N ALA A 566 4.66 -20.53 19.62
CA ALA A 566 5.30 -20.91 20.88
C ALA A 566 6.65 -21.49 20.51
N ASN A 567 7.69 -21.18 21.28
CA ASN A 567 9.00 -21.73 20.98
C ASN A 567 9.01 -23.22 21.32
N ALA A 568 10.15 -23.86 21.06
CA ALA A 568 10.30 -25.29 21.32
C ALA A 568 10.02 -25.66 22.76
N ALA A 569 10.26 -24.72 23.67
CA ALA A 569 10.04 -24.94 25.10
C ALA A 569 8.56 -24.79 25.48
N GLY A 570 7.77 -24.25 24.57
CA GLY A 570 6.35 -24.10 24.84
C GLY A 570 5.89 -22.73 25.30
N THR A 571 6.80 -21.75 25.30
CA THR A 571 6.43 -20.39 25.72
C THR A 571 5.69 -19.70 24.59
N ALA A 572 4.47 -19.24 24.87
CA ALA A 572 3.62 -18.59 23.87
C ALA A 572 3.94 -17.12 23.62
N SER A 573 3.71 -16.69 22.38
CA SER A 573 3.97 -15.32 21.97
C SER A 573 2.70 -14.48 22.10
N ASN A 574 2.80 -13.21 21.70
CA ASN A 574 1.66 -12.31 21.68
C ASN A 574 0.80 -12.78 20.51
N VAL A 575 -0.43 -12.28 20.44
CA VAL A 575 -1.33 -12.67 19.37
C VAL A 575 -1.37 -11.63 18.26
N TYR A 576 -1.29 -12.09 17.01
CA TYR A 576 -1.38 -11.22 15.84
C TYR A 576 -2.72 -11.61 15.24
N ASP A 577 -3.71 -10.72 15.38
CA ASP A 577 -5.07 -11.02 14.95
C ASP A 577 -5.41 -10.68 13.51
N ASN A 578 -6.67 -10.93 13.18
CA ASN A 578 -7.23 -10.60 11.86
C ASN A 578 -6.71 -11.38 10.66
N PHE A 579 -6.27 -12.62 10.87
CA PHE A 579 -5.82 -13.40 9.73
C PHE A 579 -7.04 -14.05 9.08
N GLU A 580 -7.19 -13.86 7.78
CA GLU A 580 -8.34 -14.46 7.11
C GLU A 580 -7.98 -15.69 6.31
N VAL A 581 -8.54 -16.83 6.70
CA VAL A 581 -8.36 -18.07 5.98
C VAL A 581 -9.52 -18.10 4.99
N LEU A 582 -9.22 -18.16 3.69
CA LEU A 582 -10.27 -18.20 2.67
C LEU A 582 -10.83 -19.62 2.59
N SER A 583 -12.04 -19.75 2.04
CA SER A 583 -12.67 -21.07 1.92
C SER A 583 -12.16 -21.81 0.69
N GLY A 584 -11.28 -21.15 -0.07
CA GLY A 584 -10.72 -21.75 -1.27
C GLY A 584 -10.34 -20.67 -2.27
N ASP A 585 -10.08 -21.07 -3.52
CA ASP A 585 -9.77 -20.08 -4.56
C ASP A 585 -10.99 -19.18 -4.69
N GLN A 586 -10.76 -17.94 -5.13
CA GLN A 586 -11.84 -16.97 -5.21
C GLN A 586 -12.22 -16.54 -6.63
N VAL A 587 -13.51 -16.22 -6.80
CA VAL A 587 -14.03 -15.67 -8.05
C VAL A 587 -14.89 -14.48 -7.65
N SER A 588 -14.96 -13.48 -8.55
CA SER A 588 -15.75 -12.29 -8.29
C SER A 588 -17.14 -12.46 -8.88
N VAL A 589 -18.15 -12.45 -8.03
CA VAL A 589 -19.53 -12.61 -8.46
C VAL A 589 -20.39 -11.41 -8.11
N ARG A 590 -21.18 -10.96 -9.07
CA ARG A 590 -22.07 -9.83 -8.85
C ARG A 590 -23.43 -10.31 -8.38
N PHE A 591 -23.86 -9.82 -7.23
CA PHE A 591 -25.16 -10.17 -6.69
C PHE A 591 -26.10 -9.01 -6.95
N VAL A 592 -27.27 -9.32 -7.48
CA VAL A 592 -28.28 -8.31 -7.75
C VAL A 592 -29.59 -8.73 -7.09
N VAL A 593 -30.17 -7.84 -6.30
CA VAL A 593 -31.44 -8.14 -5.64
C VAL A 593 -32.47 -7.11 -6.12
N ASN A 594 -33.62 -7.60 -6.57
CA ASN A 594 -34.65 -6.71 -7.10
C ASN A 594 -35.77 -6.39 -6.12
N ASN A 595 -36.32 -5.19 -6.26
CA ASN A 595 -37.45 -4.75 -5.45
C ASN A 595 -37.20 -4.82 -3.96
N ALA A 596 -36.09 -4.24 -3.50
CA ALA A 596 -35.75 -4.21 -2.09
C ALA A 596 -35.91 -2.76 -1.64
N THR A 597 -37.13 -2.39 -1.28
CA THR A 597 -37.42 -1.02 -0.85
C THR A 597 -36.89 -0.73 0.54
N THR A 598 -36.46 0.51 0.75
CA THR A 598 -35.90 0.90 2.04
C THR A 598 -36.27 2.33 2.42
N ALA A 599 -35.98 2.67 3.68
CA ALA A 599 -36.22 4.02 4.17
C ALA A 599 -34.86 4.69 4.13
N LEU A 600 -34.85 6.02 4.01
CA LEU A 600 -33.59 6.75 3.96
C LEU A 600 -32.71 6.37 5.15
N GLY A 601 -31.46 6.02 4.85
CA GLY A 601 -30.54 5.62 5.91
C GLY A 601 -30.41 4.11 6.01
N GLN A 602 -31.44 3.41 5.55
CA GLN A 602 -31.48 1.96 5.56
C GLN A 602 -30.87 1.43 4.26
N ASN A 603 -30.01 0.43 4.36
CA ASN A 603 -29.34 -0.13 3.19
C ASN A 603 -29.41 -1.64 3.11
N VAL A 604 -29.29 -2.17 1.89
CA VAL A 604 -29.33 -3.61 1.69
C VAL A 604 -27.93 -4.21 1.77
N TYR A 605 -27.82 -5.35 2.44
CA TYR A 605 -26.56 -6.06 2.59
C TYR A 605 -26.77 -7.51 2.20
N LEU A 606 -25.66 -8.22 1.97
CA LEU A 606 -25.70 -9.62 1.58
C LEU A 606 -25.09 -10.50 2.68
N THR A 607 -25.75 -11.60 3.00
CA THR A 607 -25.25 -12.53 3.99
C THR A 607 -25.39 -13.94 3.43
N GLY A 608 -24.55 -14.87 3.89
CA GLY A 608 -24.59 -16.22 3.34
C GLY A 608 -23.88 -17.30 4.13
N SER A 609 -23.88 -18.51 3.57
CA SER A 609 -23.34 -19.70 4.23
C SER A 609 -21.84 -19.98 4.19
N VAL A 610 -21.05 -18.98 3.81
CA VAL A 610 -19.59 -19.12 3.80
C VAL A 610 -18.99 -17.92 4.49
N SER A 611 -17.74 -18.04 4.96
CA SER A 611 -17.09 -16.93 5.65
C SER A 611 -16.97 -15.70 4.76
N GLU A 612 -16.81 -15.93 3.45
CA GLU A 612 -16.71 -14.83 2.50
C GLU A 612 -17.99 -13.98 2.52
N LEU A 613 -19.06 -14.55 3.05
CA LEU A 613 -20.34 -13.86 3.17
C LEU A 613 -20.72 -13.65 4.64
N GLY A 614 -19.74 -13.82 5.52
CA GLY A 614 -19.95 -13.61 6.94
C GLY A 614 -20.64 -14.71 7.72
N ASN A 615 -20.85 -15.87 7.08
CA ASN A 615 -21.51 -16.99 7.74
C ASN A 615 -22.76 -16.61 8.53
N TRP A 616 -23.68 -15.92 7.86
CA TRP A 616 -24.97 -15.51 8.42
C TRP A 616 -24.95 -14.48 9.55
N ASP A 617 -23.79 -13.90 9.82
CA ASP A 617 -23.68 -12.89 10.88
C ASP A 617 -23.90 -11.50 10.27
N PRO A 618 -25.04 -10.86 10.57
CA PRO A 618 -25.35 -9.53 10.02
C PRO A 618 -24.22 -8.52 10.24
N ALA A 619 -23.51 -8.65 11.35
CA ALA A 619 -22.40 -7.75 11.66
C ALA A 619 -21.27 -7.89 10.63
N LYS A 620 -21.26 -9.01 9.92
CA LYS A 620 -20.23 -9.27 8.91
C LYS A 620 -20.83 -9.36 7.51
N ALA A 621 -22.03 -8.81 7.34
CA ALA A 621 -22.71 -8.85 6.05
C ALA A 621 -21.98 -7.98 5.04
N ILE A 622 -22.10 -8.35 3.76
CA ILE A 622 -21.43 -7.63 2.69
C ILE A 622 -22.23 -6.39 2.26
N GLY A 623 -21.58 -5.24 2.25
CA GLY A 623 -22.25 -4.02 1.85
C GLY A 623 -21.77 -2.83 2.64
N PRO A 624 -22.53 -1.71 2.64
CA PRO A 624 -23.82 -1.54 1.95
C PRO A 624 -23.74 -1.70 0.43
N MET A 625 -24.76 -2.33 -0.13
CA MET A 625 -24.82 -2.54 -1.57
C MET A 625 -25.11 -1.24 -2.32
N TYR A 626 -24.93 -1.27 -3.65
CA TYR A 626 -25.14 -0.08 -4.48
C TYR A 626 -26.48 -0.09 -5.19
N ASN A 627 -26.97 1.08 -5.58
CA ASN A 627 -28.26 1.18 -6.25
C ASN A 627 -28.44 2.40 -7.16
N GLN A 628 -27.35 2.89 -7.76
CA GLN A 628 -27.46 4.06 -8.62
C GLN A 628 -26.96 3.91 -10.05
N VAL A 629 -25.73 3.42 -10.22
CA VAL A 629 -25.13 3.33 -11.54
C VAL A 629 -25.47 2.13 -12.41
N VAL A 630 -24.91 0.96 -12.11
CA VAL A 630 -25.17 -0.22 -12.92
C VAL A 630 -26.64 -0.63 -12.87
N TYR A 631 -27.21 -0.62 -11.67
CA TYR A 631 -28.63 -0.92 -11.47
C TYR A 631 -29.20 0.22 -10.62
N GLN A 632 -30.50 0.44 -10.72
CA GLN A 632 -31.12 1.54 -9.97
C GLN A 632 -32.13 1.08 -8.93
N TYR A 633 -32.13 1.77 -7.78
CA TYR A 633 -33.08 1.50 -6.71
C TYR A 633 -34.48 1.43 -7.33
N PRO A 634 -35.36 0.55 -6.81
CA PRO A 634 -35.22 -0.38 -5.68
C PRO A 634 -34.38 -1.64 -5.92
N ASN A 635 -33.57 -1.64 -6.99
CA ASN A 635 -32.71 -2.78 -7.25
C ASN A 635 -31.32 -2.43 -6.73
N TRP A 636 -30.66 -3.40 -6.10
CA TRP A 636 -29.33 -3.19 -5.54
C TRP A 636 -28.34 -4.20 -6.07
N TYR A 637 -27.06 -3.84 -6.10
CA TYR A 637 -26.03 -4.75 -6.61
C TYR A 637 -24.71 -4.57 -5.88
N TYR A 638 -23.86 -5.60 -5.93
CA TYR A 638 -22.56 -5.54 -5.32
C TYR A 638 -21.69 -6.68 -5.84
N ASP A 639 -20.40 -6.42 -6.01
CA ASP A 639 -19.46 -7.42 -6.48
C ASP A 639 -18.73 -8.03 -5.29
N VAL A 640 -18.76 -9.35 -5.21
CA VAL A 640 -18.23 -10.06 -4.04
C VAL A 640 -17.26 -11.20 -4.36
N SER A 641 -16.22 -11.30 -3.56
CA SER A 641 -15.24 -12.38 -3.70
C SER A 641 -15.80 -13.59 -2.95
N VAL A 642 -16.03 -14.68 -3.69
CA VAL A 642 -16.57 -15.90 -3.10
C VAL A 642 -15.76 -17.11 -3.52
N PRO A 643 -15.82 -18.20 -2.74
CA PRO A 643 -15.06 -19.41 -3.10
C PRO A 643 -15.55 -20.05 -4.39
N ALA A 644 -14.62 -20.27 -5.32
CA ALA A 644 -14.92 -20.85 -6.62
C ALA A 644 -15.53 -22.24 -6.54
N GLY A 645 -16.53 -22.48 -7.39
CA GLY A 645 -17.17 -23.78 -7.48
C GLY A 645 -18.02 -24.23 -6.30
N LYS A 646 -18.15 -23.39 -5.28
CA LYS A 646 -18.92 -23.76 -4.09
C LYS A 646 -20.41 -23.46 -4.23
N THR A 647 -21.25 -24.32 -3.69
CA THR A 647 -22.68 -24.08 -3.70
C THR A 647 -22.93 -23.27 -2.44
N ILE A 648 -23.52 -22.09 -2.61
CA ILE A 648 -23.72 -21.17 -1.51
C ILE A 648 -25.17 -20.75 -1.31
N GLU A 649 -25.61 -20.76 -0.05
CA GLU A 649 -26.96 -20.30 0.28
C GLU A 649 -26.78 -18.88 0.77
N PHE A 650 -27.72 -18.01 0.42
CA PHE A 650 -27.62 -16.61 0.85
C PHE A 650 -28.97 -15.92 0.94
N LYS A 651 -28.96 -14.78 1.60
CA LYS A 651 -30.14 -13.93 1.76
C LYS A 651 -29.67 -12.50 1.83
N PHE A 652 -30.60 -11.58 1.60
CA PHE A 652 -30.27 -10.16 1.68
C PHE A 652 -30.87 -9.61 2.97
N LEU A 653 -30.27 -8.53 3.46
CA LEU A 653 -30.72 -7.89 4.68
C LEU A 653 -30.91 -6.41 4.44
N LYS A 654 -31.78 -5.80 5.23
CA LYS A 654 -31.95 -4.35 5.19
C LYS A 654 -31.51 -3.92 6.58
N LYS A 655 -30.46 -3.10 6.63
CA LYS A 655 -29.94 -2.65 7.90
C LYS A 655 -30.01 -1.14 8.11
N GLN A 656 -30.42 -0.76 9.32
CA GLN A 656 -30.50 0.64 9.74
C GLN A 656 -29.64 0.59 11.00
N GLY A 657 -28.40 1.08 10.90
CA GLY A 657 -27.51 0.96 12.03
C GLY A 657 -27.26 -0.53 12.16
N SER A 658 -27.39 -1.08 13.37
CA SER A 658 -27.21 -2.52 13.54
C SER A 658 -28.56 -3.26 13.61
N THR A 659 -29.63 -2.53 13.35
CA THR A 659 -30.98 -3.12 13.35
C THR A 659 -31.15 -3.83 12.01
N VAL A 660 -31.54 -5.10 12.06
CA VAL A 660 -31.65 -5.92 10.86
C VAL A 660 -33.03 -6.45 10.52
N THR A 661 -33.36 -6.43 9.23
CA THR A 661 -34.61 -6.98 8.72
C THR A 661 -34.22 -8.01 7.66
N TRP A 662 -34.61 -9.26 7.88
CA TRP A 662 -34.26 -10.36 6.97
C TRP A 662 -35.26 -10.63 5.87
N GLU A 663 -34.76 -11.15 4.76
CA GLU A 663 -35.63 -11.59 3.66
C GLU A 663 -36.44 -12.74 4.27
N GLY A 664 -37.68 -12.89 3.84
CA GLY A 664 -38.47 -13.99 4.32
C GLY A 664 -38.20 -15.19 3.44
N GLY A 665 -39.01 -16.23 3.56
CA GLY A 665 -38.85 -17.42 2.73
C GLY A 665 -37.58 -18.22 2.95
N SER A 666 -37.31 -19.13 2.00
CA SER A 666 -36.12 -19.98 2.06
C SER A 666 -34.91 -19.24 1.53
N ASN A 667 -33.72 -19.71 1.88
CA ASN A 667 -32.49 -19.09 1.40
C ASN A 667 -32.42 -19.20 -0.11
N HIS A 668 -31.72 -18.25 -0.73
CA HIS A 668 -31.47 -18.31 -2.16
C HIS A 668 -30.28 -19.25 -2.28
N THR A 669 -30.07 -19.82 -3.45
CA THR A 669 -28.94 -20.72 -3.64
C THR A 669 -28.35 -20.58 -5.03
N PHE A 670 -27.03 -20.79 -5.12
CA PHE A 670 -26.35 -20.76 -6.39
C PHE A 670 -25.00 -21.43 -6.23
N THR A 671 -24.35 -21.75 -7.35
CA THR A 671 -23.05 -22.36 -7.31
C THR A 671 -22.11 -21.42 -8.04
N ALA A 672 -21.07 -20.96 -7.35
CA ALA A 672 -20.13 -20.03 -7.93
C ALA A 672 -19.34 -20.70 -9.05
N PRO A 673 -18.93 -19.92 -10.07
CA PRO A 673 -18.17 -20.47 -11.20
C PRO A 673 -16.81 -20.97 -10.74
N SER A 674 -16.20 -21.84 -11.53
CA SER A 674 -14.88 -22.40 -11.21
C SER A 674 -13.79 -21.38 -11.52
N SER A 675 -14.09 -20.46 -12.42
CA SER A 675 -13.17 -19.38 -12.78
C SER A 675 -13.98 -18.33 -13.53
N GLY A 676 -13.41 -17.15 -13.70
CA GLY A 676 -14.13 -16.08 -14.36
C GLY A 676 -15.18 -15.51 -13.44
N THR A 677 -16.11 -14.74 -14.00
CA THR A 677 -17.15 -14.09 -13.20
C THR A 677 -18.54 -14.68 -13.41
N ALA A 678 -19.52 -14.09 -12.73
CA ALA A 678 -20.90 -14.51 -12.84
C ALA A 678 -21.77 -13.44 -12.19
N THR A 679 -23.04 -13.42 -12.57
CA THR A 679 -24.00 -12.48 -12.01
C THR A 679 -25.21 -13.27 -11.54
N ILE A 680 -25.54 -13.14 -10.26
CA ILE A 680 -26.68 -13.83 -9.67
C ILE A 680 -27.76 -12.79 -9.42
N ASN A 681 -28.87 -12.90 -10.15
CA ASN A 681 -29.94 -11.93 -10.03
C ASN A 681 -31.20 -12.57 -9.45
N VAL A 682 -31.64 -12.07 -8.29
CA VAL A 682 -32.83 -12.61 -7.63
C VAL A 682 -33.74 -11.50 -7.12
N ASN A 683 -34.94 -11.88 -6.68
CA ASN A 683 -35.91 -10.93 -6.15
C ASN A 683 -35.92 -10.95 -4.63
N TRP A 684 -36.11 -9.79 -4.02
CA TRP A 684 -36.19 -9.71 -2.56
C TRP A 684 -37.43 -10.48 -2.13
N GLN A 685 -37.27 -11.38 -1.16
CA GLN A 685 -38.37 -12.17 -0.65
C GLN A 685 -38.89 -11.58 0.65
N PRO A 686 -40.17 -11.19 0.68
CA PRO A 686 -40.77 -10.62 1.90
C PRO A 686 -40.90 -11.65 3.01
C2 BGC B . -2.53 8.15 -9.85
C3 BGC B . -2.46 9.29 -10.85
C4 BGC B . -3.02 8.81 -12.19
C5 BGC B . -4.46 8.27 -12.02
C6 BGC B . -4.96 7.57 -13.26
C1 BGC B . -4.01 7.81 -9.70
O1 BGC B . -4.18 6.85 -8.72
O2 BGC B . -1.97 8.54 -8.60
O3 BGC B . -1.12 9.75 -11.01
O4 BGC B . -3.05 9.91 -13.11
O5 BGC B . -4.52 7.30 -10.94
O6 BGC B . -4.13 6.47 -13.60
C1 GLC B . -2.53 9.68 -14.39
C2 GLC B . -1.42 10.67 -14.66
C3 GLC B . -1.98 12.09 -14.67
C4 GLC B . -3.19 12.23 -15.61
C5 GLC B . -4.20 11.09 -15.38
C6 GLC B . -5.31 11.04 -16.42
O2 GLC B . -0.43 10.56 -13.64
O3 GLC B . -0.97 13.01 -15.05
O4 GLC B . -3.87 13.47 -15.33
O5 GLC B . -3.53 9.81 -15.39
O6 GLC B . -4.79 10.84 -17.72
C1 GLC B . -3.38 14.62 -15.95
C2 GLC B . -3.90 15.85 -15.20
C3 GLC B . -5.43 15.91 -15.34
C4 GLC B . -5.81 15.94 -16.83
C5 GLC B . -5.18 14.74 -17.56
C6 GLC B . -5.38 14.85 -19.06
O2 GLC B . -3.55 15.76 -13.83
O3 GLC B . -5.93 17.07 -14.68
O4 GLC B . -7.24 15.89 -16.96
O5 GLC B . -3.76 14.69 -17.32
O6 GLC B . -5.02 16.14 -19.53
C1 GLC B . -7.79 16.91 -17.75
C2 GLC B . -8.88 17.63 -16.96
C3 GLC B . -10.09 16.72 -16.77
C4 GLC B . -10.58 16.23 -18.14
C5 GLC B . -9.43 15.52 -18.86
C6 GLC B . -9.81 15.05 -20.25
O2 GLC B . -8.37 18.03 -15.70
O3 GLC B . -11.13 17.40 -16.10
O4 GLC B . -11.69 15.35 -17.96
O5 GLC B . -8.31 16.41 -18.99
O6 GLC B . -10.41 16.09 -21.01
C1 GLC B . -12.95 15.96 -18.06
C2 GLC B . -13.93 15.29 -17.10
C3 GLC B . -14.25 13.87 -17.57
C4 GLC B . -14.75 13.89 -19.02
C5 GLC B . -13.71 14.60 -19.91
C6 GLC B . -14.18 14.76 -21.35
O2 GLC B . -13.36 15.24 -15.81
O3 GLC B . -15.25 13.30 -16.73
O4 GLC B . -14.95 12.54 -19.50
O5 GLC B . -13.46 15.93 -19.40
O6 GLC B . -15.50 15.30 -21.40
C1 GLC B . -16.15 11.94 -19.11
C2 GLC B . -16.16 10.46 -19.53
C3 GLC B . -16.33 10.34 -21.04
C4 GLC B . -17.58 11.08 -21.49
C5 GLC B . -17.48 12.55 -21.05
C6 GLC B . -18.74 13.34 -21.40
O2 GLC B . -14.94 9.85 -19.13
O3 GLC B . -16.43 8.97 -21.41
O4 GLC B . -17.70 11.00 -22.92
O5 GLC B . -17.31 12.62 -19.62
O6 GLC B . -19.82 12.98 -20.55
C1 GLC B . -18.57 9.98 -23.36
C2 GLC B . -18.10 9.46 -24.71
C3 GLC B . -18.28 10.53 -25.78
C4 GLC B . -19.76 11.00 -25.80
C5 GLC B . -20.17 11.47 -24.40
C6 GLC B . -21.65 11.81 -24.33
O2 GLC B . -16.74 9.06 -24.63
O3 GLC B . -17.92 10.03 -27.05
O4 GLC B . -19.90 12.08 -26.73
O5 GLC B . -19.93 10.43 -23.44
O6 GLC B . -22.44 10.68 -24.67
C2 BGC C . -39.22 -15.68 12.14
C3 BGC C . -38.11 -15.83 11.10
C4 BGC C . -36.71 -15.69 11.75
C5 BGC C . -36.61 -16.59 12.99
C6 BGC C . -35.31 -16.41 13.74
C1 BGC C . -38.96 -16.58 13.35
O1 BGC C . -39.91 -16.32 14.33
O2 BGC C . -40.46 -16.03 11.54
O3 BGC C . -38.25 -14.84 10.10
O4 BGC C . -35.72 -16.08 10.78
O5 BGC C . -37.68 -16.30 13.91
O6 BGC C . -35.14 -17.40 14.74
C1 GLC C . -34.97 -15.02 10.25
C2 GLC C . -34.77 -15.25 8.75
C3 GLC C . -33.84 -16.44 8.53
C4 GLC C . -32.53 -16.26 9.29
C5 GLC C . -32.81 -15.98 10.77
C6 GLC C . -31.55 -15.65 11.55
O2 GLC C . -36.02 -15.48 8.13
O3 GLC C . -33.57 -16.57 7.13
O4 GLC C . -31.75 -17.47 9.17
O5 GLC C . -33.71 -14.86 10.90
O6 GLC C . -31.81 -15.59 12.94
C1 GLC C . -30.52 -17.33 8.51
C2 GLC C . -30.42 -18.37 7.38
C3 GLC C . -30.27 -19.78 7.96
C4 GLC C . -29.11 -19.84 8.97
C5 GLC C . -29.30 -18.75 10.03
C6 GLC C . -28.13 -18.67 11.02
O2 GLC C . -31.59 -18.32 6.58
O3 GLC C . -30.04 -20.71 6.92
O4 GLC C . -29.09 -21.13 9.61
O5 GLC C . -29.41 -17.45 9.40
O6 GLC C . -28.43 -17.80 12.09
C1 GLC C . -28.01 -21.96 9.28
C2 GLC C . -28.53 -23.35 8.91
C3 GLC C . -29.14 -24.04 10.14
C4 GLC C . -28.13 -24.04 11.30
C5 GLC C . -27.59 -22.63 11.57
C6 GLC C . -26.47 -22.62 12.60
O2 GLC C . -29.50 -23.25 7.89
O3 GLC C . -29.51 -25.36 9.82
O4 GLC C . -28.76 -24.54 12.47
O5 GLC C . -27.07 -22.07 10.35
O6 GLC C . -25.53 -21.59 12.33
C2 BGC D . -37.82 10.17 -0.39
C3 BGC D . -36.83 9.03 -0.18
C4 BGC D . -36.38 8.43 -1.51
C5 BGC D . -35.93 9.53 -2.49
C6 BGC D . -35.69 8.98 -3.88
C1 BGC D . -37.22 11.19 -1.35
O1 BGC D . -38.13 12.20 -1.59
O2 BGC D . -38.10 10.80 0.86
O3 BGC D . -37.43 8.01 0.62
O4 BGC D . -35.29 7.53 -1.27
O5 BGC D . -36.94 10.55 -2.61
O6 BGC D . -34.58 9.60 -4.50
C1 GLC D . -35.41 6.23 -1.79
C2 GLC D . -35.36 5.23 -0.66
C3 GLC D . -34.01 5.33 0.04
C4 GLC D . -32.86 5.15 -0.95
C5 GLC D . -33.02 6.06 -2.18
C6 GLC D . -32.06 5.70 -3.30
O2 GLC D . -36.40 5.49 0.27
O3 GLC D . -33.91 4.35 1.07
O4 GLC D . -31.62 5.46 -0.30
O5 GLC D . -34.36 5.94 -2.72
O6 GLC D . -32.10 6.66 -4.34
C1 GLC D . -30.76 4.37 -0.07
C2 GLC D . -30.33 4.36 1.40
C3 GLC D . -29.47 5.58 1.69
C4 GLC D . -28.28 5.65 0.72
C5 GLC D . -28.77 5.55 -0.74
C6 GLC D . -27.63 5.42 -1.74
O2 GLC D . -31.47 4.38 2.24
O3 GLC D . -28.99 5.52 3.03
O4 GLC D . -27.59 6.90 0.91
O5 GLC D . -29.62 4.40 -0.92
O6 GLC D . -28.11 5.52 -3.07
C1 GLC D . -26.25 6.82 1.30
C2 GLC D . -26.06 7.57 2.63
C3 GLC D . -26.30 9.06 2.41
C4 GLC D . -25.40 9.59 1.29
C5 GLC D . -25.56 8.74 0.02
C6 GLC D . -24.55 9.12 -1.05
O2 GLC D . -26.95 7.07 3.60
O3 GLC D . -26.02 9.77 3.61
O4 GLC D . -25.75 10.95 1.00
O5 GLC D . -25.37 7.35 0.31
O6 GLC D . -23.23 8.81 -0.62
C1 GLC E . 5.30 18.93 30.31
C2 GLC E . 4.99 18.21 29.00
C3 GLC E . 4.33 16.87 29.33
C4 GLC E . 5.28 16.05 30.20
C5 GLC E . 5.59 16.81 31.51
C6 GLC E . 6.56 16.04 32.36
O1 GLC E . 4.10 19.23 30.96
O2 GLC E . 4.12 19.01 28.21
O3 GLC E . 4.06 16.19 28.11
O4 GLC E . 4.68 14.79 30.54
O5 GLC E . 6.16 18.08 31.13
O6 GLC E . 6.85 16.75 33.56
C1 GLC E . 5.22 13.57 30.05
C2 GLC E . 4.08 12.72 29.45
C3 GLC E . 3.10 12.32 30.54
C4 GLC E . 3.86 11.56 31.63
C5 GLC E . 4.99 12.45 32.19
C6 GLC E . 5.78 11.78 33.23
O2 GLC E . 3.36 13.41 28.43
O3 GLC E . 2.05 11.51 29.99
O4 GLC E . 3.00 11.24 32.72
O5 GLC E . 5.91 12.86 31.13
O6 GLC E . 6.80 12.63 33.74
CA CA F . 15.89 5.93 -22.40
CA CA G . -13.51 1.82 -12.17
CA CA H . -3.69 -6.16 14.55
C1 MPD I . -7.59 -22.41 -10.39
C2 MPD I . -7.89 -21.37 -11.48
O2 MPD I . -6.64 -20.54 -11.43
CM MPD I . -7.89 -21.65 -12.96
C3 MPD I . -9.14 -20.49 -11.11
C4 MPD I . -9.30 -20.10 -9.69
O4 MPD I . -8.12 -19.36 -9.41
C5 MPD I . -10.59 -19.26 -9.50
C1 MPD J . -5.02 11.85 -8.29
C2 MPD J . -6.51 12.08 -7.99
O2 MPD J . -6.47 12.26 -6.50
CM MPD J . -7.29 13.33 -8.33
C3 MPD J . -7.37 10.80 -8.35
C4 MPD J . -6.78 9.50 -8.08
O4 MPD J . -6.57 9.50 -6.66
C5 MPD J . -7.76 8.37 -8.51
C1 MPD K . -15.59 -5.37 0.11
C2 MPD K . -14.18 -5.32 0.72
O2 MPD K . -14.21 -4.64 2.05
CM MPD K . -12.87 -6.00 0.45
C3 MPD K . -14.42 -6.74 1.50
C4 MPD K . -15.65 -7.13 2.28
O4 MPD K . -16.71 -7.27 1.34
C5 MPD K . -15.40 -8.52 2.93
C ACY L . 17.86 26.00 12.51
O ACY L . 17.81 26.46 11.29
OXT ACY L . 18.90 25.78 13.22
CH3 ACY L . 16.49 25.73 13.10
C ACY M . 13.48 -14.85 -10.69
O ACY M . 12.39 -15.08 -11.38
OXT ACY M . 13.55 -14.32 -9.52
CH3 ACY M . 14.74 -15.28 -11.41
C ACY N . -12.42 -29.21 7.60
O ACY N . -12.65 -28.11 8.25
OXT ACY N . -13.03 -29.65 6.57
CH3 ACY N . -11.29 -30.04 8.21
C ACY O . 3.82 -5.40 20.33
O ACY O . 4.22 -5.89 21.47
OXT ACY O . 4.37 -4.46 19.66
CH3 ACY O . 2.58 -6.07 19.79
N1 EPE P . -12.64 -19.13 14.77
C2 EPE P . -14.05 -19.63 15.07
C3 EPE P . -14.57 -20.31 13.80
N4 EPE P . -14.65 -19.33 12.67
C5 EPE P . -13.30 -18.78 12.37
C6 EPE P . -12.69 -18.13 13.62
C7 EPE P . -15.14 -19.92 11.39
C8 EPE P . -16.52 -20.53 11.44
O8 EPE P . -16.72 -21.59 10.53
C9 EPE P . -12.03 -18.43 15.94
C10 EPE P . -10.50 -18.23 15.71
S EPE P . -9.78 -17.36 17.10
O1S EPE P . -8.39 -17.21 16.80
O2S EPE P . -10.00 -18.21 18.28
O3S EPE P . -10.47 -16.10 17.18
#